data_4XN9
#
_entry.id   4XN9
#
_cell.length_a   120.884
_cell.length_b   120.884
_cell.length_c   170.379
_cell.angle_alpha   90.00
_cell.angle_beta   90.00
_cell.angle_gamma   120.00
#
_symmetry.space_group_name_H-M   'P 31 2 1'
#
loop_
_entity.id
_entity.type
_entity.pdbx_description
1 polymer 'Aminopeptidase N'
2 non-polymer 'ZINC ION'
3 non-polymer BETA-ALANINE
4 non-polymer 'SODIUM ION'
5 non-polymer 'MALONATE ION'
6 water water
#
_entity_poly.entity_id   1
_entity_poly.type   'polypeptide(L)'
_entity_poly.pdbx_seq_one_letter_code
;PQAKYRHDYRAPDYQITDIDLTFDLDAQKTVVTAVSQAVRHGASDAPLRLNGEDLKLVSVHINDEPWTAWKEEEGALVIS
NLPERFTLKIINEISPAANTALEGLYQSGDALCTQCEAEGFRHITYYLDRPDVLARFTTKIIADKIKYPFLLSNGNRVAQ
GELENGRHWVQWQDPFPKPCYLFALVAGDFDVLRDTFTTRSGREVALELYVDRGNLDRAPWAMTSLKNSMKWDEERFGLE
YDLDIYMIVAVDFFNMGAMENKGLNIFNSKYVLARTDTATDKDYLDIERVIGHEYFHNWTGNRVTCRDWFQLSLKEGLTV
FRDQEFSSDLGSRAVNRINNVRTMRGLQFAEDASPMAHPIRPDMVIEMNNFYTLTVYEKGAEVIRMIHTLLGEENFQKGM
QLYFERHDGSAATCDDFVQAMEDASNVDLSHFRRWYSQSGTPIVTVKDDYNPETEQYTLTISQRTPATPDQAEKQPLHIP
FAIELYDNEGKVIPLQKGGHPVNSVLNVTQAEQTFVFDNVYFQPVPALLCEFSAPVKLEYKWSDQQLTFLMRHARNDFSR
WDAAQSLLATYIKLNVARHQQGQPLSLPVHVADAFRAVLLDEKIDPALAAEILTLPSVNEMAELFDIIDPIAIAEVREAL
TRTLATELADELLAIYNANYQSEYRVEHEDIAKRTLRNACLRFLAFGETHLADVLVSKQFHEANNMTDALAALSAAVAAQ
LPCRDALMQEYDDKWHQNGLVMDKWFILQATSPAANVLETVRGLLQHRSFTMSNPNRIRSLIGAFAGSNPAAFHAEDGSG
YLFLVEMLTDLNSRNPQVASRLIEPLIRLKRYDAKRQEKMRAALEQLKGLENLSGDLYEKITKALA
;
_entity_poly.pdbx_strand_id   A
#
loop_
_chem_comp.id
_chem_comp.type
_chem_comp.name
_chem_comp.formula
BAL peptide-like BETA-ALANINE 'C3 H7 N O2'
MLI non-polymer 'MALONATE ION' 'C3 H2 O4 -2'
NA non-polymer 'SODIUM ION' 'Na 1'
ZN non-polymer 'ZINC ION' 'Zn 2'
#
# COMPACT_ATOMS: atom_id res chain seq x y z
N PRO A 1 -20.71 -11.66 12.74
CA PRO A 1 -19.72 -11.79 13.83
C PRO A 1 -19.62 -10.53 14.80
N GLN A 2 -18.65 -10.53 15.72
CA GLN A 2 -18.59 -9.52 16.83
C GLN A 2 -17.25 -8.72 17.01
N ALA A 3 -17.40 -7.45 17.40
CA ALA A 3 -16.30 -6.51 17.38
C ALA A 3 -15.32 -6.71 18.50
N LYS A 4 -14.07 -6.34 18.32
CA LYS A 4 -13.15 -6.32 19.42
C LYS A 4 -12.78 -4.86 19.58
N TYR A 5 -12.46 -4.47 20.83
CA TYR A 5 -12.17 -3.10 21.15
C TYR A 5 -10.79 -2.91 21.74
N ARG A 6 -10.09 -1.92 21.25
CA ARG A 6 -8.74 -1.66 21.72
C ARG A 6 -8.70 -1.47 23.25
N HIS A 7 -9.74 -0.84 23.81
CA HIS A 7 -9.75 -0.51 25.24
C HIS A 7 -9.92 -1.75 26.10
N ASP A 8 -10.48 -2.82 25.51
CA ASP A 8 -10.45 -4.15 26.13
C ASP A 8 -9.11 -4.91 26.10
N TYR A 9 -8.03 -4.42 25.48
CA TYR A 9 -6.78 -5.21 25.58
C TYR A 9 -6.38 -5.55 27.04
N ARG A 10 -6.17 -6.82 27.38
CA ARG A 10 -5.48 -7.19 28.66
C ARG A 10 -4.31 -8.13 28.39
N ALA A 11 -3.29 -8.07 29.24
CA ALA A 11 -2.18 -9.03 29.09
C ALA A 11 -2.72 -10.42 29.19
N PRO A 12 -2.14 -11.36 28.44
CA PRO A 12 -2.72 -12.68 28.42
C PRO A 12 -2.53 -13.48 29.75
N ASP A 13 -3.52 -14.31 30.07
CA ASP A 13 -3.46 -15.23 31.19
C ASP A 13 -2.34 -16.26 31.10
N TYR A 14 -1.89 -16.53 29.90
CA TYR A 14 -0.85 -17.50 29.72
C TYR A 14 0.17 -17.00 28.71
N GLN A 15 1.37 -17.53 28.82
CA GLN A 15 2.40 -17.30 27.83
C GLN A 15 2.89 -18.62 27.38
N ILE A 16 3.42 -18.59 26.18
CA ILE A 16 4.15 -19.69 25.58
C ILE A 16 5.50 -19.07 25.30
N THR A 17 6.54 -19.83 25.59
CA THR A 17 7.89 -19.38 25.40
C THR A 17 8.64 -20.11 24.32
N ASP A 18 8.25 -21.35 24.04
CA ASP A 18 8.97 -22.21 23.09
C ASP A 18 7.94 -23.08 22.43
N ILE A 19 8.02 -23.28 21.11
CA ILE A 19 7.12 -24.23 20.44
C ILE A 19 7.92 -25.03 19.42
N ASP A 20 7.60 -26.30 19.35
CA ASP A 20 8.24 -27.24 18.47
C ASP A 20 7.17 -27.81 17.60
N LEU A 21 7.25 -27.45 16.34
CA LEU A 21 6.29 -27.86 15.36
C LEU A 21 6.82 -28.99 14.53
N THR A 22 5.97 -29.99 14.28
CA THR A 22 6.23 -31.00 13.27
C THR A 22 5.08 -31.07 12.28
N PHE A 23 5.41 -31.08 11.00
CA PHE A 23 4.44 -31.13 9.95
C PHE A 23 4.71 -32.39 9.13
N ASP A 24 3.75 -33.30 9.09
CA ASP A 24 3.76 -34.42 8.15
C ASP A 24 2.90 -33.87 6.99
N LEU A 25 3.58 -33.29 6.01
CA LEU A 25 2.94 -32.58 4.91
C LEU A 25 2.38 -33.52 3.86
N ASP A 26 1.22 -33.10 3.37
CA ASP A 26 0.52 -33.64 2.27
C ASP A 26 -0.63 -32.62 1.95
N ALA A 27 -0.86 -32.35 0.69
CA ALA A 27 -1.85 -31.36 0.31
C ALA A 27 -3.26 -31.71 0.73
N GLN A 28 -3.61 -32.97 0.62
CA GLN A 28 -4.93 -33.44 1.03
C GLN A 28 -5.04 -33.40 2.56
N LYS A 29 -4.10 -34.04 3.25
CA LYS A 29 -4.15 -34.14 4.72
C LYS A 29 -2.81 -33.91 5.44
N THR A 30 -2.65 -32.77 6.07
CA THR A 30 -1.43 -32.49 6.79
C THR A 30 -1.67 -32.75 8.27
N VAL A 31 -0.76 -33.46 8.91
CA VAL A 31 -0.84 -33.64 10.35
C VAL A 31 0.18 -32.73 11.03
N VAL A 32 -0.27 -31.93 11.98
CA VAL A 32 0.58 -31.01 12.71
C VAL A 32 0.73 -31.53 14.13
N THR A 33 1.95 -31.65 14.64
CA THR A 33 2.19 -31.87 16.06
C THR A 33 2.90 -30.63 16.58
N ALA A 34 2.39 -30.10 17.69
CA ALA A 34 2.83 -28.84 18.24
C ALA A 34 3.05 -29.02 19.74
N VAL A 35 4.32 -28.95 20.15
CA VAL A 35 4.66 -29.06 21.55
C VAL A 35 5.03 -27.68 22.03
N SER A 36 4.24 -27.11 22.94
CA SER A 36 4.50 -25.79 23.43
C SER A 36 4.85 -25.80 24.89
N GLN A 37 5.81 -24.99 25.30
CA GLN A 37 6.15 -24.79 26.71
C GLN A 37 5.39 -23.61 27.21
N ALA A 38 4.50 -23.80 28.17
CA ALA A 38 3.68 -22.70 28.60
C ALA A 38 3.79 -22.37 30.07
N VAL A 39 3.30 -21.19 30.41
CA VAL A 39 3.33 -20.63 31.74
C VAL A 39 2.03 -19.92 32.00
N ARG A 40 1.39 -20.21 33.14
CA ARG A 40 0.26 -19.42 33.62
C ARG A 40 0.68 -18.17 34.44
N HIS A 41 0.13 -17.01 34.08
CA HIS A 41 0.37 -15.75 34.80
C HIS A 41 -0.90 -15.33 35.53
N GLY A 42 -2.04 -15.63 34.92
CA GLY A 42 -3.31 -15.40 35.57
C GLY A 42 -3.66 -16.34 36.71
N ALA A 43 -4.92 -16.17 37.11
CA ALA A 43 -5.55 -16.92 38.18
C ALA A 43 -5.58 -18.38 37.77
N SER A 44 -5.47 -19.26 38.77
CA SER A 44 -5.51 -20.69 38.51
C SER A 44 -6.84 -21.17 38.00
N ASP A 45 -7.95 -20.54 38.34
CA ASP A 45 -9.17 -20.98 37.71
C ASP A 45 -9.38 -20.49 36.30
N ALA A 46 -8.39 -19.83 35.69
CA ALA A 46 -8.55 -19.24 34.34
C ALA A 46 -8.04 -20.24 33.31
N PRO A 47 -8.92 -20.68 32.43
CA PRO A 47 -8.46 -21.73 31.53
C PRO A 47 -7.52 -21.17 30.48
N LEU A 48 -6.89 -22.05 29.73
CA LEU A 48 -6.13 -21.64 28.60
C LEU A 48 -7.07 -21.70 27.41
N ARG A 49 -7.24 -20.54 26.76
CA ARG A 49 -8.09 -20.46 25.55
C ARG A 49 -7.20 -20.38 24.32
N LEU A 50 -7.25 -21.38 23.47
CA LEU A 50 -6.39 -21.42 22.33
C LEU A 50 -7.24 -21.09 21.13
N ASN A 51 -6.86 -20.16 20.28
CA ASN A 51 -7.63 -20.00 19.02
C ASN A 51 -7.36 -21.14 18.08
N GLY A 52 -8.37 -21.54 17.32
CA GLY A 52 -8.23 -22.49 16.22
C GLY A 52 -9.42 -22.38 15.26
N GLU A 53 -9.18 -22.41 13.95
CA GLU A 53 -10.27 -22.35 12.96
C GLU A 53 -10.10 -23.47 11.94
N ASP A 54 -11.15 -24.20 11.64
CA ASP A 54 -11.12 -25.32 10.71
C ASP A 54 -9.95 -26.29 10.99
N LEU A 55 -9.84 -26.71 12.24
CA LEU A 55 -8.91 -27.76 12.60
C LEU A 55 -9.63 -29.01 13.03
N LYS A 56 -9.03 -30.15 12.78
CA LYS A 56 -9.53 -31.40 13.29
C LYS A 56 -8.62 -31.80 14.45
N LEU A 57 -9.14 -31.71 15.67
CA LEU A 57 -8.36 -32.03 16.84
C LEU A 57 -8.20 -33.54 17.01
N VAL A 58 -7.00 -34.07 17.00
CA VAL A 58 -6.73 -35.48 17.13
C VAL A 58 -6.38 -35.82 18.61
N SER A 59 -5.60 -34.96 19.29
CA SER A 59 -5.28 -35.23 20.69
C SER A 59 -4.66 -34.08 21.40
N VAL A 60 -4.78 -34.13 22.74
CA VAL A 60 -4.38 -33.08 23.66
C VAL A 60 -3.69 -33.72 24.82
N HIS A 61 -2.47 -33.29 25.10
CA HIS A 61 -1.69 -33.79 26.22
C HIS A 61 -1.15 -32.67 27.06
N ILE A 62 -1.02 -32.89 28.36
CA ILE A 62 -0.44 -31.92 29.24
C ILE A 62 0.56 -32.68 30.08
N ASN A 63 1.82 -32.23 30.09
CA ASN A 63 2.97 -33.00 30.55
C ASN A 63 2.86 -34.47 30.23
N ASP A 64 2.53 -34.76 28.99
CA ASP A 64 2.43 -36.10 28.47
C ASP A 64 1.25 -36.90 28.86
N GLU A 65 0.36 -36.30 29.62
CA GLU A 65 -0.82 -36.98 30.10
C GLU A 65 -1.96 -36.55 29.18
N PRO A 66 -2.57 -37.51 28.49
CA PRO A 66 -3.81 -37.24 27.76
C PRO A 66 -4.76 -36.49 28.64
N TRP A 67 -5.21 -35.33 28.16
CA TRP A 67 -5.99 -34.38 29.03
C TRP A 67 -7.50 -34.60 28.86
N THR A 68 -8.24 -34.61 29.96
CA THR A 68 -9.72 -34.77 29.86
C THR A 68 -10.53 -33.53 30.20
N ALA A 69 -9.88 -32.49 30.72
CA ALA A 69 -10.56 -31.28 31.15
C ALA A 69 -10.33 -30.19 30.11
N TRP A 70 -11.10 -30.28 29.03
CA TRP A 70 -11.10 -29.29 27.96
C TRP A 70 -12.40 -29.33 27.17
N LYS A 71 -12.66 -28.31 26.38
CA LYS A 71 -13.76 -28.42 25.41
C LYS A 71 -13.49 -27.52 24.25
N GLU A 72 -14.27 -27.74 23.19
CA GLU A 72 -14.18 -26.91 21.98
C GLU A 72 -15.39 -25.97 21.89
N GLU A 73 -15.15 -24.68 21.67
CA GLU A 73 -16.21 -23.69 21.52
C GLU A 73 -16.15 -23.01 20.14
N GLU A 74 -16.95 -21.98 19.94
CA GLU A 74 -16.88 -21.17 18.74
C GLU A 74 -15.43 -20.79 18.49
N GLY A 75 -14.72 -21.56 17.67
CA GLY A 75 -13.33 -21.22 17.25
C GLY A 75 -12.20 -21.20 18.32
N ALA A 76 -12.40 -21.91 19.44
CA ALA A 76 -11.36 -22.09 20.46
C ALA A 76 -11.34 -23.49 21.09
N LEU A 77 -10.19 -23.86 21.63
CA LEU A 77 -10.07 -25.02 22.47
C LEU A 77 -9.71 -24.48 23.82
N VAL A 78 -10.55 -24.80 24.80
CA VAL A 78 -10.48 -24.25 26.17
C VAL A 78 -10.04 -25.38 27.11
N ILE A 79 -8.98 -25.16 27.87
CA ILE A 79 -8.34 -26.22 28.65
C ILE A 79 -8.27 -25.78 30.11
N SER A 80 -8.79 -26.61 31.01
CA SER A 80 -8.88 -26.21 32.42
C SER A 80 -7.94 -26.99 33.28
N ASN A 81 -7.83 -26.50 34.51
CA ASN A 81 -7.23 -27.22 35.62
C ASN A 81 -5.72 -27.45 35.39
N LEU A 82 -5.08 -26.44 34.79
CA LEU A 82 -3.70 -26.55 34.35
C LEU A 82 -2.75 -26.16 35.45
N PRO A 83 -1.57 -26.77 35.53
CA PRO A 83 -0.59 -26.25 36.47
C PRO A 83 0.04 -24.94 36.04
N GLU A 84 0.93 -24.42 36.86
CA GLU A 84 1.55 -23.12 36.61
C GLU A 84 2.54 -23.12 35.43
N ARG A 85 3.23 -24.25 35.24
CA ARG A 85 4.10 -24.51 34.10
C ARG A 85 3.82 -25.91 33.56
N PHE A 86 3.79 -26.05 32.24
CA PHE A 86 3.50 -27.31 31.61
C PHE A 86 3.84 -27.34 30.14
N THR A 87 3.83 -28.52 29.57
CA THR A 87 4.06 -28.72 28.16
C THR A 87 2.77 -29.12 27.53
N LEU A 88 2.35 -28.34 26.58
CA LEU A 88 1.13 -28.61 25.90
C LEU A 88 1.51 -29.38 24.67
N LYS A 89 0.80 -30.45 24.39
CA LYS A 89 0.97 -31.15 23.12
C LYS A 89 -0.32 -31.29 22.33
N ILE A 90 -0.35 -30.74 21.11
CA ILE A 90 -1.55 -30.84 20.31
C ILE A 90 -1.25 -31.58 19.02
N ILE A 91 -2.10 -32.51 18.65
CA ILE A 91 -2.03 -33.07 17.31
C ILE A 91 -3.30 -32.74 16.56
N ASN A 92 -3.20 -32.12 15.38
CA ASN A 92 -4.40 -31.79 14.60
C ASN A 92 -4.18 -31.98 13.14
N GLU A 93 -5.27 -32.02 12.38
CA GLU A 93 -5.19 -32.11 10.94
C GLU A 93 -5.79 -30.90 10.30
N ILE A 94 -5.20 -30.52 9.18
CA ILE A 94 -5.69 -29.45 8.34
C ILE A 94 -5.60 -29.96 6.92
N SER A 95 -6.18 -29.23 5.99
CA SER A 95 -6.19 -29.67 4.58
C SER A 95 -5.83 -28.55 3.59
N PRO A 96 -4.56 -28.46 3.19
CA PRO A 96 -4.17 -27.27 2.41
C PRO A 96 -4.86 -27.09 1.07
N ALA A 97 -5.12 -28.20 0.40
CA ALA A 97 -5.71 -28.15 -0.90
C ALA A 97 -7.15 -27.58 -0.85
N ALA A 98 -7.81 -27.62 0.30
CA ALA A 98 -9.18 -27.12 0.41
C ALA A 98 -9.20 -25.66 0.65
N ASN A 99 -8.04 -25.10 0.98
CA ASN A 99 -7.96 -23.76 1.52
C ASN A 99 -7.87 -22.73 0.40
N THR A 100 -9.03 -22.28 -0.08
CA THR A 100 -9.12 -21.37 -1.22
C THR A 100 -8.93 -19.93 -0.74
N ALA A 101 -9.11 -19.69 0.55
CA ALA A 101 -8.98 -18.34 1.14
C ALA A 101 -7.55 -17.82 1.23
N LEU A 102 -6.59 -18.75 1.22
CA LEU A 102 -5.17 -18.43 1.26
C LEU A 102 -4.74 -17.83 2.56
N GLU A 103 -5.42 -18.25 3.65
CA GLU A 103 -5.17 -17.90 5.05
C GLU A 103 -4.66 -19.18 5.67
N GLY A 104 -3.52 -19.17 6.32
CA GLY A 104 -2.97 -20.40 6.89
C GLY A 104 -2.03 -21.17 5.97
N LEU A 105 -2.20 -22.49 5.90
CA LEU A 105 -1.39 -23.32 5.04
C LEU A 105 -2.22 -23.74 3.82
N TYR A 106 -1.88 -23.24 2.66
CA TYR A 106 -2.60 -23.53 1.41
C TYR A 106 -1.63 -23.92 0.32
N GLN A 107 -2.12 -23.98 -0.89
CA GLN A 107 -1.39 -24.56 -2.01
C GLN A 107 -1.40 -23.48 -3.09
N SER A 108 -0.22 -23.16 -3.63
CA SER A 108 -0.05 -22.14 -4.65
C SER A 108 0.65 -22.85 -5.77
N GLY A 109 -0.13 -23.21 -6.78
CA GLY A 109 0.31 -24.13 -7.80
C GLY A 109 0.59 -25.49 -7.20
N ASP A 110 1.76 -26.03 -7.52
CA ASP A 110 2.22 -27.26 -6.88
C ASP A 110 2.85 -27.02 -5.49
N ALA A 111 3.09 -25.78 -5.09
CA ALA A 111 3.78 -25.61 -3.83
C ALA A 111 2.81 -25.48 -2.65
N LEU A 112 3.28 -25.81 -1.45
CA LEU A 112 2.57 -25.47 -0.23
C LEU A 112 3.25 -24.31 0.40
N CYS A 113 2.48 -23.32 0.81
CA CYS A 113 3.01 -22.18 1.51
C CYS A 113 2.01 -21.64 2.52
N THR A 114 2.47 -20.72 3.36
CA THR A 114 1.66 -20.15 4.44
C THR A 114 1.43 -18.65 4.34
N GLN A 115 0.32 -18.24 4.94
CA GLN A 115 0.15 -16.85 5.30
C GLN A 115 -0.54 -16.77 6.65
N CYS A 116 0.15 -16.13 7.60
CA CYS A 116 -0.28 -16.12 8.99
C CYS A 116 -0.78 -14.78 9.53
N GLU A 117 -0.42 -13.67 8.87
CA GLU A 117 -0.86 -12.32 9.32
C GLU A 117 -2.24 -12.07 8.78
N ALA A 118 -3.21 -11.69 9.60
CA ALA A 118 -3.03 -11.37 11.00
C ALA A 118 -3.25 -12.60 11.90
N GLU A 119 -4.28 -13.42 11.58
CA GLU A 119 -4.75 -14.54 12.46
C GLU A 119 -4.96 -15.83 11.70
N GLY A 120 -3.93 -16.21 10.95
CA GLY A 120 -3.94 -17.37 10.10
C GLY A 120 -3.23 -18.53 10.79
N PHE A 121 -2.26 -18.25 11.69
CA PHE A 121 -1.66 -19.36 12.45
C PHE A 121 -2.68 -20.28 13.13
N ARG A 122 -3.80 -19.73 13.60
CA ARG A 122 -4.86 -20.54 14.23
C ARG A 122 -5.57 -21.49 13.26
N HIS A 123 -5.40 -21.29 11.96
CA HIS A 123 -5.83 -22.25 10.91
C HIS A 123 -4.79 -23.35 10.70
N ILE A 124 -3.71 -23.37 11.49
CA ILE A 124 -2.67 -24.39 11.33
C ILE A 124 -2.63 -25.31 12.57
N THR A 125 -2.69 -24.73 13.76
CA THR A 125 -2.85 -25.52 15.00
C THR A 125 -3.51 -24.65 16.08
N TYR A 126 -3.93 -25.22 17.19
CA TYR A 126 -4.42 -24.42 18.29
C TYR A 126 -3.30 -23.68 18.97
N TYR A 127 -3.42 -22.37 19.08
CA TYR A 127 -2.35 -21.53 19.64
C TYR A 127 -2.99 -20.32 20.29
N LEU A 128 -2.16 -19.60 21.03
CA LEU A 128 -2.40 -18.25 21.48
C LEU A 128 -2.02 -17.28 20.35
N ASP A 129 -2.94 -17.16 19.40
CA ASP A 129 -2.76 -16.41 18.17
C ASP A 129 -2.98 -14.93 18.39
N ARG A 130 -1.97 -14.29 18.90
CA ARG A 130 -2.04 -12.88 19.19
C ARG A 130 -0.59 -12.39 19.38
N PRO A 131 -0.29 -11.19 18.92
CA PRO A 131 1.11 -10.94 18.71
C PRO A 131 1.85 -10.47 19.96
N ASP A 132 1.17 -10.40 21.09
CA ASP A 132 1.93 -10.17 22.32
C ASP A 132 2.39 -11.49 22.94
N VAL A 133 2.17 -12.64 22.26
CA VAL A 133 2.73 -13.90 22.72
C VAL A 133 3.89 -14.25 21.80
N LEU A 134 5.10 -14.09 22.32
CA LEU A 134 6.35 -14.33 21.60
C LEU A 134 7.10 -15.58 22.09
N ALA A 135 7.45 -16.47 21.16
CA ALA A 135 8.13 -17.74 21.50
C ALA A 135 9.24 -18.14 20.52
N ARG A 136 10.11 -19.04 20.95
CA ARG A 136 11.15 -19.58 20.10
CA ARG A 136 11.15 -19.57 20.08
C ARG A 136 10.59 -20.80 19.38
N PHE A 137 10.62 -20.73 18.06
CA PHE A 137 10.13 -21.79 17.18
C PHE A 137 11.20 -22.76 16.63
N THR A 138 10.77 -24.01 16.44
CA THR A 138 11.60 -25.01 15.84
C THR A 138 10.62 -25.76 15.03
N THR A 139 10.92 -25.99 13.77
CA THR A 139 9.94 -26.46 12.83
C THR A 139 10.55 -27.60 12.06
N LYS A 140 10.03 -28.81 12.27
CA LYS A 140 10.40 -30.02 11.53
C LYS A 140 9.37 -30.24 10.48
N ILE A 141 9.82 -30.56 9.26
CA ILE A 141 8.97 -30.76 8.11
C ILE A 141 9.32 -32.07 7.45
N ILE A 142 8.31 -32.89 7.19
CA ILE A 142 8.46 -34.19 6.60
C ILE A 142 7.58 -34.22 5.36
N ALA A 143 8.13 -34.64 4.23
CA ALA A 143 7.42 -34.65 3.00
C ALA A 143 7.98 -35.59 1.90
N ASP A 144 7.17 -35.82 0.87
CA ASP A 144 7.61 -36.54 -0.35
C ASP A 144 8.70 -35.80 -1.02
N LYS A 145 9.86 -36.42 -1.15
CA LYS A 145 11.07 -35.82 -1.74
C LYS A 145 10.98 -35.34 -3.18
N ILE A 146 10.18 -35.98 -4.00
CA ILE A 146 10.08 -35.60 -5.41
C ILE A 146 9.17 -34.41 -5.57
N LYS A 147 8.03 -34.44 -4.92
CA LYS A 147 7.13 -33.33 -4.95
C LYS A 147 7.59 -32.09 -4.14
N TYR A 148 8.25 -32.27 -2.98
CA TYR A 148 8.68 -31.18 -2.10
C TYR A 148 10.19 -31.26 -1.74
N PRO A 149 11.01 -31.11 -2.75
CA PRO A 149 12.42 -31.18 -2.53
C PRO A 149 12.94 -30.08 -1.66
N PHE A 150 12.33 -28.90 -1.67
CA PHE A 150 12.70 -27.87 -0.70
C PHE A 150 11.63 -27.71 0.36
N LEU A 151 12.10 -27.67 1.59
CA LEU A 151 11.28 -27.56 2.76
C LEU A 151 11.89 -26.47 3.63
N LEU A 152 11.19 -25.34 3.63
CA LEU A 152 11.67 -24.12 4.27
C LEU A 152 10.81 -23.66 5.44
N SER A 153 11.47 -23.16 6.49
CA SER A 153 10.80 -22.41 7.56
C SER A 153 11.79 -21.36 8.11
N ASN A 154 11.33 -20.57 9.08
CA ASN A 154 12.13 -19.49 9.62
C ASN A 154 13.43 -20.00 10.26
N GLY A 155 14.49 -19.20 10.09
CA GLY A 155 15.73 -19.36 10.83
C GLY A 155 16.77 -20.19 10.09
N ASN A 156 17.51 -20.98 10.84
CA ASN A 156 18.60 -21.78 10.29
C ASN A 156 18.24 -23.21 10.16
N ARG A 157 18.74 -23.84 9.13
CA ARG A 157 18.42 -25.25 9.01
C ARG A 157 19.45 -26.05 9.80
N VAL A 158 18.97 -26.90 10.70
CA VAL A 158 19.72 -27.49 11.80
C VAL A 158 19.72 -29.02 11.79
N ALA A 159 18.93 -29.62 10.91
CA ALA A 159 18.88 -31.08 10.80
C ALA A 159 18.21 -31.41 9.52
N GLN A 160 18.42 -32.66 9.10
CA GLN A 160 18.07 -33.13 7.79
C GLN A 160 18.11 -34.66 7.84
N GLY A 161 17.10 -35.31 7.26
CA GLY A 161 17.08 -36.76 7.14
C GLY A 161 16.34 -37.33 5.93
N GLU A 162 16.70 -38.55 5.54
CA GLU A 162 15.85 -39.33 4.65
C GLU A 162 15.06 -40.41 5.38
N LEU A 163 13.94 -40.82 4.78
CA LEU A 163 13.10 -41.90 5.27
C LEU A 163 12.77 -42.94 4.17
N GLU A 164 12.34 -44.11 4.61
CA GLU A 164 11.67 -45.04 3.71
C GLU A 164 10.44 -44.36 2.99
N ASN A 165 10.10 -44.90 1.83
CA ASN A 165 8.97 -44.45 1.01
C ASN A 165 9.11 -43.09 0.33
N GLY A 166 10.36 -42.78 -0.02
CA GLY A 166 10.66 -41.57 -0.75
C GLY A 166 10.30 -40.29 -0.02
N ARG A 167 10.31 -40.29 1.31
CA ARG A 167 10.02 -39.09 2.07
CA ARG A 167 10.02 -39.09 2.05
C ARG A 167 11.29 -38.62 2.76
N HIS A 168 11.39 -37.33 2.99
CA HIS A 168 12.56 -36.73 3.69
C HIS A 168 12.12 -35.63 4.67
N TRP A 169 13.04 -35.19 5.50
CA TRP A 169 12.69 -34.18 6.42
C TRP A 169 13.80 -33.24 6.69
N VAL A 170 13.41 -32.04 7.09
CA VAL A 170 14.30 -30.96 7.41
CA VAL A 170 14.33 -31.01 7.44
C VAL A 170 13.85 -30.36 8.71
N GLN A 171 14.77 -29.82 9.50
CA GLN A 171 14.36 -29.03 10.62
C GLN A 171 15.08 -27.69 10.74
N TRP A 172 14.26 -26.69 11.09
CA TRP A 172 14.62 -25.28 11.16
C TRP A 172 14.51 -24.80 12.56
N GLN A 173 15.34 -23.85 12.93
CA GLN A 173 15.27 -23.27 14.24
C GLN A 173 15.55 -21.76 14.12
N ASP A 174 14.66 -20.93 14.68
CA ASP A 174 14.79 -19.50 14.65
C ASP A 174 14.99 -19.06 16.08
N PRO A 175 16.19 -18.56 16.42
CA PRO A 175 16.54 -18.14 17.75
C PRO A 175 15.80 -16.95 18.29
N PHE A 176 15.20 -16.15 17.43
CA PHE A 176 14.58 -14.91 17.88
C PHE A 176 13.13 -15.23 18.21
N PRO A 177 12.68 -14.85 19.41
CA PRO A 177 11.27 -15.06 19.73
C PRO A 177 10.36 -14.29 18.80
N LYS A 178 9.32 -14.92 18.28
CA LYS A 178 8.40 -14.19 17.48
C LYS A 178 6.95 -14.55 17.81
N PRO A 179 6.01 -13.67 17.46
CA PRO A 179 4.64 -14.06 17.47
C PRO A 179 4.34 -14.93 16.28
N CYS A 180 3.32 -15.73 16.41
CA CYS A 180 3.01 -16.67 15.39
C CYS A 180 2.74 -16.02 14.00
N TYR A 181 2.28 -14.78 13.95
CA TYR A 181 1.99 -14.20 12.58
C TYR A 181 3.18 -14.20 11.61
N LEU A 182 4.37 -14.23 12.21
CA LEU A 182 5.61 -14.20 11.51
C LEU A 182 6.10 -15.62 11.19
N PHE A 183 5.37 -16.65 11.60
CA PHE A 183 5.74 -18.00 11.18
C PHE A 183 5.46 -18.21 9.68
N ALA A 184 6.34 -18.99 9.06
CA ALA A 184 6.14 -19.39 7.66
C ALA A 184 6.73 -20.73 7.34
N LEU A 185 6.13 -21.34 6.32
CA LEU A 185 6.55 -22.63 5.84
C LEU A 185 6.27 -22.71 4.35
N VAL A 186 7.27 -23.19 3.62
CA VAL A 186 7.17 -23.39 2.20
C VAL A 186 7.68 -24.79 1.86
N ALA A 187 6.97 -25.45 0.96
CA ALA A 187 7.40 -26.77 0.45
C ALA A 187 7.15 -26.80 -1.04
N GLY A 188 8.15 -27.19 -1.82
CA GLY A 188 7.96 -27.26 -3.25
C GLY A 188 9.22 -27.43 -4.04
N ASP A 189 9.06 -27.29 -5.35
CA ASP A 189 10.16 -27.36 -6.28
C ASP A 189 10.44 -26.00 -6.92
N PHE A 190 11.69 -25.57 -6.90
CA PHE A 190 12.05 -24.20 -7.25
C PHE A 190 13.44 -24.15 -7.93
N ASP A 191 13.63 -23.12 -8.75
CA ASP A 191 14.93 -22.66 -9.16
C ASP A 191 15.27 -21.70 -8.05
N VAL A 192 16.54 -21.61 -7.71
CA VAL A 192 16.97 -20.83 -6.58
C VAL A 192 18.12 -19.94 -7.01
N LEU A 193 17.98 -18.64 -6.80
CA LEU A 193 19.02 -17.71 -7.10
C LEU A 193 19.72 -17.46 -5.80
N ARG A 194 21.03 -17.66 -5.79
CA ARG A 194 21.78 -17.58 -4.53
C ARG A 194 22.87 -16.55 -4.62
N ASP A 195 22.99 -15.71 -3.62
CA ASP A 195 24.04 -14.71 -3.63
C ASP A 195 24.41 -14.54 -2.19
N THR A 196 25.23 -13.55 -1.84
CA THR A 196 25.57 -13.31 -0.43
C THR A 196 25.67 -11.83 -0.19
N PHE A 197 25.61 -11.43 1.06
CA PHE A 197 25.77 -10.03 1.38
C PHE A 197 26.52 -9.99 2.69
N THR A 198 27.52 -9.13 2.75
CA THR A 198 28.33 -9.00 3.92
C THR A 198 27.92 -7.75 4.68
N THR A 199 27.63 -7.89 5.96
CA THR A 199 27.10 -6.72 6.61
C THR A 199 28.21 -5.75 6.87
N ARG A 200 27.81 -4.54 7.23
CA ARG A 200 28.74 -3.53 7.69
C ARG A 200 29.67 -4.02 8.80
N SER A 201 29.24 -4.89 9.70
CA SER A 201 30.17 -5.37 10.74
C SER A 201 30.89 -6.65 10.38
N GLY A 202 30.80 -7.11 9.14
CA GLY A 202 31.47 -8.32 8.73
C GLY A 202 30.66 -9.59 8.67
N ARG A 203 29.46 -9.68 9.25
CA ARG A 203 28.62 -10.90 9.14
CA ARG A 203 28.63 -10.89 9.14
C ARG A 203 28.24 -11.21 7.69
N GLU A 204 28.49 -12.42 7.24
CA GLU A 204 28.16 -12.84 5.87
C GLU A 204 26.81 -13.47 5.86
N VAL A 205 25.93 -13.04 4.98
CA VAL A 205 24.56 -13.49 4.96
C VAL A 205 24.25 -14.21 3.66
N ALA A 206 23.76 -15.43 3.74
CA ALA A 206 23.39 -16.10 2.51
C ALA A 206 22.03 -15.60 2.04
N LEU A 207 21.94 -15.29 0.75
CA LEU A 207 20.69 -14.83 0.17
C LEU A 207 20.19 -15.91 -0.74
N GLU A 208 18.94 -16.30 -0.56
CA GLU A 208 18.33 -17.31 -1.40
C GLU A 208 16.94 -16.86 -1.84
N LEU A 209 16.75 -16.85 -3.16
CA LEU A 209 15.56 -16.36 -3.78
C LEU A 209 14.93 -17.50 -4.63
N TYR A 210 13.78 -18.02 -4.17
CA TYR A 210 13.16 -19.18 -4.72
C TYR A 210 12.07 -18.73 -5.66
N VAL A 211 12.11 -19.18 -6.91
CA VAL A 211 11.07 -18.87 -7.88
C VAL A 211 10.60 -20.16 -8.55
N ASP A 212 9.47 -20.15 -9.29
CA ASP A 212 9.05 -21.34 -10.04
C ASP A 212 10.18 -21.65 -11.03
N ARG A 213 10.33 -22.93 -11.34
CA ARG A 213 11.29 -23.42 -12.36
C ARG A 213 11.12 -22.65 -13.66
N GLY A 214 12.19 -22.05 -14.19
CA GLY A 214 12.18 -21.35 -15.48
C GLY A 214 12.39 -19.85 -15.38
N ASN A 215 12.23 -19.34 -14.16
CA ASN A 215 12.16 -17.93 -13.90
C ASN A 215 13.38 -17.36 -13.27
N LEU A 216 14.45 -18.10 -13.28
CA LEU A 216 15.65 -17.58 -12.72
C LEU A 216 16.13 -16.30 -13.44
N ASP A 217 15.64 -16.12 -14.67
CA ASP A 217 15.98 -14.95 -15.52
C ASP A 217 15.14 -13.70 -15.24
N ARG A 218 14.14 -13.81 -14.38
CA ARG A 218 13.42 -12.64 -13.93
C ARG A 218 13.75 -12.34 -12.46
N ALA A 219 14.74 -13.02 -11.90
CA ALA A 219 15.11 -12.84 -10.49
C ALA A 219 16.20 -11.79 -10.13
N PRO A 220 17.14 -11.52 -11.03
CA PRO A 220 18.27 -10.77 -10.52
C PRO A 220 18.00 -9.36 -10.00
N TRP A 221 16.94 -8.73 -10.51
CA TRP A 221 16.58 -7.38 -10.05
C TRP A 221 16.16 -7.38 -8.56
N ALA A 222 15.33 -8.37 -8.20
CA ALA A 222 14.85 -8.53 -6.84
C ALA A 222 16.02 -8.75 -5.92
N MET A 223 16.96 -9.58 -6.36
CA MET A 223 18.15 -9.84 -5.58
C MET A 223 19.00 -8.55 -5.40
N THR A 224 19.11 -7.79 -6.46
CA THR A 224 19.86 -6.57 -6.37
C THR A 224 19.19 -5.62 -5.40
N SER A 225 17.88 -5.57 -5.52
CA SER A 225 17.07 -4.69 -4.71
C SER A 225 17.16 -5.05 -3.22
N LEU A 226 17.21 -6.36 -2.92
CA LEU A 226 17.43 -6.84 -1.55
C LEU A 226 18.75 -6.36 -1.00
N LYS A 227 19.77 -6.49 -1.83
CA LYS A 227 21.06 -5.97 -1.40
C LYS A 227 21.04 -4.48 -1.19
N ASN A 228 20.40 -3.76 -2.08
CA ASN A 228 20.38 -2.32 -1.88
C ASN A 228 19.65 -1.98 -0.60
N SER A 229 18.60 -2.73 -0.29
CA SER A 229 17.80 -2.52 0.93
C SER A 229 18.68 -2.72 2.14
N MET A 230 19.40 -3.83 2.15
CA MET A 230 20.27 -4.16 3.27
C MET A 230 21.34 -3.10 3.47
N LYS A 231 21.95 -2.62 2.39
CA LYS A 231 22.96 -1.57 2.50
C LYS A 231 22.35 -0.26 3.02
N TRP A 232 21.25 0.15 2.41
CA TRP A 232 20.58 1.37 2.78
C TRP A 232 20.17 1.38 4.26
N ASP A 233 19.59 0.28 4.75
CA ASP A 233 19.19 0.26 6.16
C ASP A 233 20.43 0.48 7.02
N GLU A 234 21.56 -0.09 6.62
CA GLU A 234 22.82 0.16 7.34
C GLU A 234 23.19 1.62 7.31
N GLU A 235 23.31 2.18 6.09
CA GLU A 235 23.70 3.60 5.92
C GLU A 235 22.77 4.64 6.64
N ARG A 236 21.48 4.47 6.50
CA ARG A 236 20.56 5.50 6.96
C ARG A 236 20.09 5.27 8.37
N PHE A 237 19.79 4.03 8.74
CA PHE A 237 19.27 3.76 10.10
C PHE A 237 20.22 3.02 11.07
N GLY A 238 21.35 2.55 10.52
CA GLY A 238 22.36 1.82 11.25
C GLY A 238 21.91 0.44 11.67
N LEU A 239 21.13 -0.20 10.82
CA LEU A 239 20.52 -1.44 11.15
C LEU A 239 21.05 -2.53 10.22
N GLU A 240 21.51 -3.63 10.80
CA GLU A 240 22.02 -4.77 10.09
C GLU A 240 21.10 -5.95 10.27
N TYR A 241 21.13 -6.87 9.31
CA TYR A 241 20.42 -8.11 9.43
C TYR A 241 21.07 -8.90 10.53
N ASP A 242 20.27 -9.77 11.12
CA ASP A 242 20.61 -10.44 12.32
C ASP A 242 20.67 -11.95 12.23
N LEU A 243 20.43 -12.51 11.04
CA LEU A 243 20.59 -13.93 10.83
C LEU A 243 21.66 -14.25 9.76
N ASP A 244 21.86 -15.54 9.50
CA ASP A 244 22.83 -16.09 8.55
C ASP A 244 22.21 -16.25 7.15
N ILE A 245 20.90 -16.18 7.08
CA ILE A 245 20.24 -16.61 5.87
C ILE A 245 18.99 -15.76 5.70
N TYR A 246 18.83 -15.21 4.51
CA TYR A 246 17.65 -14.46 4.09
C TYR A 246 17.04 -15.21 2.93
N MET A 247 15.93 -15.89 3.19
CA MET A 247 15.13 -16.46 2.14
C MET A 247 13.96 -15.56 1.71
N ILE A 248 13.70 -15.62 0.40
CA ILE A 248 12.53 -15.05 -0.23
C ILE A 248 11.96 -16.06 -1.20
N VAL A 249 10.64 -16.31 -1.10
CA VAL A 249 9.96 -17.23 -2.01
C VAL A 249 8.88 -16.47 -2.76
N ALA A 250 8.86 -16.65 -4.04
CA ALA A 250 7.89 -15.95 -4.88
C ALA A 250 6.84 -16.89 -5.29
N VAL A 251 5.64 -16.70 -4.81
CA VAL A 251 4.51 -17.56 -5.18
C VAL A 251 3.43 -16.77 -5.94
N ASP A 252 2.67 -17.51 -6.74
CA ASP A 252 1.66 -16.89 -7.62
C ASP A 252 0.34 -16.63 -6.91
N PHE A 253 0.00 -17.37 -5.87
CA PHE A 253 -1.29 -17.21 -5.26
C PHE A 253 -1.10 -16.61 -3.93
N PHE A 254 -1.37 -15.32 -3.81
CA PHE A 254 -1.04 -14.64 -2.59
C PHE A 254 -1.93 -13.40 -2.36
N ASN A 255 -2.54 -13.29 -1.19
CA ASN A 255 -3.47 -12.19 -0.95
C ASN A 255 -2.82 -10.85 -0.70
N MET A 256 -1.78 -10.79 0.15
CA MET A 256 -1.05 -9.51 0.30
C MET A 256 -0.12 -9.31 -0.92
N GLY A 257 0.76 -8.33 -0.81
CA GLY A 257 1.78 -8.16 -1.87
C GLY A 257 2.93 -9.05 -1.54
N ALA A 258 3.35 -8.96 -0.29
CA ALA A 258 4.49 -9.67 0.26
C ALA A 258 4.38 -9.63 1.79
N MET A 259 5.20 -10.41 2.46
CA MET A 259 5.00 -10.67 3.88
C MET A 259 6.35 -10.89 4.55
N GLU A 260 6.58 -10.14 5.62
CA GLU A 260 7.86 -10.08 6.32
C GLU A 260 8.18 -11.23 7.24
N ASN A 261 7.81 -12.48 6.92
CA ASN A 261 8.09 -13.59 7.83
C ASN A 261 9.57 -13.70 8.07
N LYS A 262 9.96 -13.88 9.33
CA LYS A 262 11.38 -13.70 9.73
C LYS A 262 12.28 -14.62 8.97
N GLY A 263 13.13 -14.04 8.13
CA GLY A 263 14.11 -14.82 7.38
C GLY A 263 13.51 -15.67 6.29
N LEU A 264 12.21 -15.58 6.11
CA LEU A 264 11.59 -16.32 5.02
C LEU A 264 10.40 -15.51 4.58
N ASN A 265 10.68 -14.38 3.93
CA ASN A 265 9.67 -13.56 3.30
C ASN A 265 8.95 -14.38 2.20
N ILE A 266 7.64 -14.21 2.11
CA ILE A 266 6.87 -14.80 1.01
C ILE A 266 6.24 -13.65 0.23
N PHE A 267 6.40 -13.71 -1.10
CA PHE A 267 6.06 -12.61 -1.99
C PHE A 267 5.10 -13.09 -3.04
N ASN A 268 4.12 -12.24 -3.30
CA ASN A 268 3.40 -12.31 -4.52
C ASN A 268 4.44 -12.25 -5.63
N SER A 269 4.33 -13.13 -6.61
CA SER A 269 5.38 -13.16 -7.60
C SER A 269 5.41 -11.90 -8.49
N LYS A 270 4.33 -11.14 -8.42
CA LYS A 270 4.21 -9.79 -8.98
C LYS A 270 5.24 -8.81 -8.45
N TYR A 271 5.70 -8.99 -7.23
CA TYR A 271 6.62 -8.04 -6.68
C TYR A 271 7.94 -8.68 -6.57
N VAL A 272 8.22 -9.63 -7.47
CA VAL A 272 9.57 -10.15 -7.64
C VAL A 272 10.04 -10.18 -9.07
N LEU A 273 9.26 -10.80 -9.95
CA LEU A 273 9.81 -11.17 -11.27
C LEU A 273 9.88 -9.99 -12.20
N ALA A 274 11.03 -9.68 -12.75
CA ALA A 274 11.16 -8.63 -13.78
C ALA A 274 12.15 -8.98 -14.88
N ARG A 275 11.72 -8.65 -16.10
CA ARG A 275 12.56 -8.68 -17.29
C ARG A 275 12.12 -7.47 -18.14
N THR A 276 13.04 -6.91 -18.92
CA THR A 276 12.78 -5.68 -19.66
C THR A 276 11.66 -5.83 -20.67
N ASP A 277 11.42 -7.02 -21.14
CA ASP A 277 10.34 -7.20 -22.07
C ASP A 277 9.03 -7.59 -21.39
N THR A 278 9.04 -7.88 -20.08
CA THR A 278 7.81 -8.23 -19.30
C THR A 278 7.37 -7.21 -18.25
N ALA A 279 8.26 -6.30 -17.88
CA ALA A 279 8.05 -5.43 -16.73
C ALA A 279 8.39 -4.02 -17.10
N THR A 280 7.61 -3.09 -16.54
CA THR A 280 7.77 -1.64 -16.78
C THR A 280 8.70 -1.02 -15.78
N ASP A 281 9.09 0.21 -16.01
CA ASP A 281 9.85 0.99 -15.03
C ASP A 281 9.10 0.99 -13.71
N LYS A 282 7.78 1.09 -13.78
CA LYS A 282 6.97 1.25 -12.59
C LYS A 282 7.06 -0.09 -11.84
N ASP A 283 7.03 -1.23 -12.58
CA ASP A 283 7.29 -2.57 -11.99
C ASP A 283 8.62 -2.69 -11.25
N TYR A 284 9.70 -2.30 -11.94
CA TYR A 284 11.01 -2.33 -11.37
C TYR A 284 11.02 -1.55 -10.07
N LEU A 285 10.53 -0.29 -10.10
CA LEU A 285 10.49 0.56 -8.88
C LEU A 285 9.56 0.00 -7.79
N ASP A 286 8.52 -0.69 -8.20
CA ASP A 286 7.67 -1.37 -7.26
C ASP A 286 8.34 -2.54 -6.58
N ILE A 287 9.01 -3.37 -7.36
CA ILE A 287 9.72 -4.50 -6.81
C ILE A 287 10.74 -3.96 -5.82
N GLU A 288 11.35 -2.84 -6.17
CA GLU A 288 12.35 -2.26 -5.27
C GLU A 288 11.70 -1.83 -3.97
N ARG A 289 10.58 -1.14 -4.07
CA ARG A 289 9.84 -0.58 -2.94
C ARG A 289 9.36 -1.68 -1.99
N VAL A 290 8.73 -2.71 -2.56
CA VAL A 290 8.22 -3.83 -1.78
C VAL A 290 9.27 -4.77 -1.14
N ILE A 291 10.34 -5.11 -1.86
CA ILE A 291 11.45 -5.86 -1.30
C ILE A 291 12.08 -5.10 -0.10
N GLY A 292 12.31 -3.82 -0.30
CA GLY A 292 12.79 -2.98 0.77
C GLY A 292 11.87 -2.98 1.98
N HIS A 293 10.57 -2.87 1.70
CA HIS A 293 9.55 -2.80 2.72
C HIS A 293 9.62 -4.05 3.60
N GLU A 294 9.62 -5.22 3.00
CA GLU A 294 9.67 -6.43 3.81
C GLU A 294 10.99 -6.51 4.54
N TYR A 295 12.08 -6.12 3.88
CA TYR A 295 13.35 -6.08 4.56
C TYR A 295 13.33 -5.11 5.78
N PHE A 296 12.74 -3.93 5.68
CA PHE A 296 12.83 -2.97 6.76
C PHE A 296 11.98 -3.43 7.94
N HIS A 297 10.97 -4.24 7.65
CA HIS A 297 10.18 -4.91 8.68
C HIS A 297 11.01 -5.79 9.64
N ASN A 298 12.18 -6.24 9.18
CA ASN A 298 13.03 -6.99 10.05
C ASN A 298 13.31 -6.30 11.37
N TRP A 299 13.35 -4.98 11.38
CA TRP A 299 13.50 -4.28 12.65
C TRP A 299 12.18 -3.69 13.09
N THR A 300 11.47 -3.03 12.17
CA THR A 300 10.22 -2.32 12.49
C THR A 300 9.08 -3.26 12.19
N GLY A 301 8.88 -4.20 13.13
CA GLY A 301 7.85 -5.25 13.00
C GLY A 301 8.22 -6.61 13.55
N ASN A 302 9.47 -7.03 13.36
CA ASN A 302 9.93 -8.33 13.84
C ASN A 302 10.74 -8.19 15.15
N ARG A 303 11.92 -7.62 15.13
CA ARG A 303 12.68 -7.32 16.34
C ARG A 303 11.89 -6.46 17.36
N VAL A 304 11.04 -5.55 16.89
CA VAL A 304 10.00 -4.99 17.71
C VAL A 304 8.71 -5.21 16.97
N THR A 305 7.77 -5.92 17.61
CA THR A 305 6.48 -6.25 17.00
C THR A 305 5.36 -5.46 17.71
N CYS A 306 4.11 -5.86 17.48
CA CYS A 306 2.92 -5.13 17.93
C CYS A 306 2.28 -5.81 19.11
N ARG A 307 1.96 -5.06 20.15
CA ARG A 307 1.31 -5.68 21.29
C ARG A 307 -0.05 -6.28 20.99
N ASP A 308 -0.81 -5.64 20.11
CA ASP A 308 -2.09 -6.15 19.65
C ASP A 308 -2.32 -5.53 18.29
N TRP A 309 -3.35 -6.00 17.59
CA TRP A 309 -3.50 -5.61 16.21
C TRP A 309 -3.99 -4.18 16.00
N PHE A 310 -4.49 -3.57 17.05
CA PHE A 310 -4.87 -2.21 16.95
C PHE A 310 -3.63 -1.34 16.75
N GLN A 311 -2.47 -1.86 17.18
CA GLN A 311 -1.16 -1.20 16.97
C GLN A 311 -0.52 -1.43 15.58
N LEU A 312 -1.29 -1.91 14.60
CA LEU A 312 -0.72 -2.25 13.31
C LEU A 312 0.17 -1.14 12.71
N SER A 313 -0.33 0.09 12.73
CA SER A 313 0.42 1.21 12.21
C SER A 313 1.79 1.40 12.90
N LEU A 314 1.98 0.89 14.12
CA LEU A 314 3.28 1.03 14.80
C LEU A 314 4.36 0.49 13.88
N LYS A 315 4.04 -0.61 13.18
CA LYS A 315 4.96 -1.21 12.21
C LYS A 315 4.70 -0.83 10.72
N GLU A 316 3.45 -0.62 10.31
CA GLU A 316 3.17 -0.34 8.91
C GLU A 316 3.45 1.11 8.52
N GLY A 317 3.04 2.03 9.34
CA GLY A 317 3.31 3.42 9.02
C GLY A 317 4.80 3.69 8.99
N LEU A 318 5.50 3.17 10.00
CA LEU A 318 6.93 3.38 10.12
C LEU A 318 7.68 2.60 9.04
N THR A 319 7.20 1.40 8.67
CA THR A 319 7.86 0.61 7.57
C THR A 319 7.54 1.16 6.16
N VAL A 320 6.33 1.68 5.97
CA VAL A 320 6.04 2.50 4.78
C VAL A 320 6.94 3.75 4.75
N PHE A 321 7.06 4.44 5.88
CA PHE A 321 7.91 5.60 5.91
C PHE A 321 9.31 5.19 5.46
N ARG A 322 9.79 4.08 6.00
CA ARG A 322 11.10 3.59 5.65
C ARG A 322 11.16 3.23 4.18
N ASP A 323 10.18 2.52 3.62
CA ASP A 323 10.29 2.25 2.18
C ASP A 323 10.28 3.53 1.27
N GLN A 324 9.61 4.60 1.71
CA GLN A 324 9.53 5.86 1.00
C GLN A 324 10.85 6.60 1.03
N GLU A 325 11.44 6.66 2.22
CA GLU A 325 12.80 7.19 2.36
C GLU A 325 13.85 6.42 1.53
N PHE A 326 13.68 5.13 1.35
CA PHE A 326 14.64 4.30 0.61
C PHE A 326 14.51 4.60 -0.87
N SER A 327 13.29 4.54 -1.39
CA SER A 327 13.02 4.91 -2.79
C SER A 327 13.51 6.36 -3.07
N SER A 328 13.22 7.28 -2.16
CA SER A 328 13.55 8.68 -2.39
C SER A 328 15.07 8.90 -2.31
N ASP A 329 15.77 8.14 -1.46
CA ASP A 329 17.22 8.27 -1.38
C ASP A 329 17.83 7.81 -2.71
N LEU A 330 17.44 6.66 -3.19
CA LEU A 330 18.00 6.07 -4.39
C LEU A 330 17.48 6.63 -5.73
N GLY A 331 16.28 7.21 -5.74
CA GLY A 331 15.76 7.86 -6.93
C GLY A 331 15.54 9.33 -6.64
N SER A 332 14.52 9.84 -7.30
CA SER A 332 13.99 11.17 -7.12
C SER A 332 13.13 11.38 -5.83
N ARG A 333 13.63 12.18 -4.90
CA ARG A 333 12.82 12.43 -3.74
C ARG A 333 11.51 13.15 -4.13
N ALA A 334 11.60 14.12 -5.04
CA ALA A 334 10.42 14.91 -5.39
C ALA A 334 9.36 14.05 -6.11
N VAL A 335 9.81 13.21 -7.00
CA VAL A 335 8.85 12.36 -7.72
C VAL A 335 8.19 11.36 -6.78
N ASN A 336 9.00 10.86 -5.86
CA ASN A 336 8.48 9.99 -4.82
C ASN A 336 7.42 10.66 -3.95
N ARG A 337 7.76 11.83 -3.41
CA ARG A 337 6.82 12.61 -2.64
C ARG A 337 5.54 12.93 -3.39
N ILE A 338 5.68 13.30 -4.65
CA ILE A 338 4.55 13.65 -5.46
C ILE A 338 3.65 12.42 -5.57
N ASN A 339 4.21 11.27 -5.89
CA ASN A 339 3.37 10.13 -6.07
C ASN A 339 2.71 9.68 -4.79
N ASN A 340 3.41 9.83 -3.68
CA ASN A 340 2.84 9.46 -2.42
C ASN A 340 1.70 10.42 -1.98
N VAL A 341 1.86 11.70 -2.33
CA VAL A 341 0.85 12.70 -2.10
C VAL A 341 -0.37 12.46 -3.03
N ARG A 342 -0.13 12.07 -4.29
CA ARG A 342 -1.25 11.69 -5.19
CA ARG A 342 -1.28 11.77 -5.12
C ARG A 342 -2.05 10.56 -4.53
N THR A 343 -1.37 9.63 -3.88
CA THR A 343 -2.07 8.51 -3.26
C THR A 343 -2.86 8.98 -2.03
N MET A 344 -2.26 9.83 -1.22
CA MET A 344 -2.96 10.32 -0.07
C MET A 344 -4.26 11.05 -0.44
N ARG A 345 -4.16 12.06 -1.28
CA ARG A 345 -5.33 12.84 -1.68
C ARG A 345 -6.33 12.09 -2.59
N GLY A 346 -5.85 11.15 -3.41
CA GLY A 346 -6.71 10.45 -4.34
C GLY A 346 -7.59 9.36 -3.74
N LEU A 347 -6.90 8.47 -3.03
CA LEU A 347 -7.45 7.27 -2.47
C LEU A 347 -7.65 7.36 -0.97
N GLN A 348 -6.66 7.84 -0.21
CA GLN A 348 -6.78 7.78 1.23
C GLN A 348 -7.87 8.70 1.80
N PHE A 349 -7.91 9.94 1.32
CA PHE A 349 -8.91 10.92 1.75
C PHE A 349 -10.33 10.36 1.56
N ALA A 350 -10.51 9.59 0.51
CA ALA A 350 -11.80 8.99 0.26
C ALA A 350 -12.17 8.00 1.34
N GLU A 351 -11.23 7.16 1.73
CA GLU A 351 -11.44 6.23 2.82
C GLU A 351 -11.75 6.97 4.13
N ASP A 352 -11.12 8.11 4.35
CA ASP A 352 -11.28 8.84 5.62
C ASP A 352 -12.59 9.56 5.66
N ALA A 353 -13.32 9.52 4.55
CA ALA A 353 -14.67 10.01 4.53
C ALA A 353 -15.70 8.87 4.39
N SER A 354 -15.27 7.62 4.35
CA SER A 354 -16.18 6.55 4.04
C SER A 354 -16.71 5.91 5.30
N PRO A 355 -17.73 5.06 5.16
CA PRO A 355 -18.20 4.23 6.28
C PRO A 355 -17.12 3.44 6.98
N MET A 356 -16.07 3.11 6.22
CA MET A 356 -14.89 2.39 6.74
C MET A 356 -13.82 3.26 7.39
N ALA A 357 -14.13 4.52 7.67
CA ALA A 357 -13.12 5.45 8.19
C ALA A 357 -12.65 5.08 9.60
N HIS A 358 -11.35 5.12 9.85
CA HIS A 358 -10.79 4.79 11.19
C HIS A 358 -9.56 5.62 11.45
N PRO A 359 -9.17 5.76 12.71
CA PRO A 359 -7.84 6.36 12.98
C PRO A 359 -6.75 5.39 12.60
N ILE A 360 -5.53 5.86 12.46
CA ILE A 360 -4.45 4.96 12.11
C ILE A 360 -4.32 3.88 13.16
N ARG A 361 -4.78 4.17 14.37
CA ARG A 361 -4.93 3.20 15.41
C ARG A 361 -6.39 2.96 15.66
N PRO A 362 -6.96 1.94 15.03
CA PRO A 362 -8.38 1.71 15.23
C PRO A 362 -8.79 1.50 16.72
N ASP A 363 -10.03 1.86 17.07
CA ASP A 363 -10.58 1.51 18.37
C ASP A 363 -11.48 0.31 18.29
N MET A 364 -11.94 0.00 17.10
CA MET A 364 -12.81 -1.13 16.94
C MET A 364 -12.63 -1.87 15.59
N VAL A 365 -12.58 -3.19 15.70
CA VAL A 365 -12.28 -4.06 14.59
C VAL A 365 -13.17 -5.29 14.70
N ILE A 366 -13.86 -5.59 13.62
CA ILE A 366 -14.59 -6.82 13.53
C ILE A 366 -13.72 -7.87 12.87
N GLU A 367 -13.29 -7.66 11.64
CA GLU A 367 -12.29 -8.49 10.99
C GLU A 367 -10.97 -7.74 10.69
N MET A 368 -9.85 -8.23 11.23
CA MET A 368 -8.63 -7.45 11.25
C MET A 368 -8.03 -7.38 9.89
N ASN A 369 -8.28 -8.35 9.05
CA ASN A 369 -7.74 -8.18 7.70
C ASN A 369 -8.36 -7.05 6.93
N ASN A 370 -9.43 -6.47 7.46
CA ASN A 370 -10.00 -5.23 6.87
C ASN A 370 -9.27 -3.95 7.24
N PHE A 371 -8.28 -4.04 8.10
CA PHE A 371 -7.52 -2.88 8.50
C PHE A 371 -6.07 -2.80 7.95
N TYR A 372 -5.82 -3.50 6.85
CA TYR A 372 -4.56 -3.34 6.09
C TYR A 372 -4.88 -2.31 5.03
N THR A 373 -4.88 -1.07 5.45
CA THR A 373 -5.56 -0.03 4.72
C THR A 373 -4.65 1.12 4.35
N LEU A 374 -5.14 1.91 3.36
CA LEU A 374 -4.48 3.11 2.89
C LEU A 374 -4.19 3.98 4.10
N THR A 375 -5.16 3.99 5.04
CA THR A 375 -5.08 4.78 6.22
C THR A 375 -3.99 4.26 7.13
N VAL A 376 -4.03 2.97 7.46
CA VAL A 376 -3.07 2.46 8.41
C VAL A 376 -1.63 2.57 7.86
N TYR A 377 -1.50 2.28 6.57
CA TYR A 377 -0.21 2.29 5.86
C TYR A 377 0.25 3.69 5.45
N GLU A 378 -0.49 4.33 4.54
CA GLU A 378 -0.03 5.60 3.95
C GLU A 378 -0.24 6.78 4.88
N LYS A 379 -1.41 6.86 5.50
CA LYS A 379 -1.61 7.97 6.43
C LYS A 379 -0.68 7.74 7.60
N GLY A 380 -0.59 6.47 8.01
CA GLY A 380 0.38 6.09 9.05
C GLY A 380 1.75 6.70 8.78
N ALA A 381 2.18 6.56 7.53
CA ALA A 381 3.49 7.02 7.14
C ALA A 381 3.57 8.51 7.21
N GLU A 382 2.55 9.19 6.71
CA GLU A 382 2.50 10.66 6.86
C GLU A 382 2.58 11.09 8.32
N VAL A 383 1.98 10.30 9.23
CA VAL A 383 2.09 10.63 10.64
C VAL A 383 3.52 10.46 11.14
N ILE A 384 4.16 9.40 10.73
CA ILE A 384 5.58 9.24 11.07
C ILE A 384 6.39 10.41 10.50
N ARG A 385 6.06 10.80 9.27
CA ARG A 385 6.81 11.86 8.55
C ARG A 385 6.64 13.23 9.22
N MET A 386 5.45 13.52 9.76
CA MET A 386 5.26 14.68 10.63
C MET A 386 6.17 14.65 11.86
N ILE A 387 6.33 13.48 12.50
CA ILE A 387 7.23 13.39 13.63
C ILE A 387 8.65 13.79 13.17
N HIS A 388 9.04 13.20 12.04
CA HIS A 388 10.32 13.50 11.46
C HIS A 388 10.48 14.98 11.14
N THR A 389 9.39 15.56 10.61
CA THR A 389 9.34 16.95 10.29
C THR A 389 9.47 17.79 11.57
N LEU A 390 8.78 17.45 12.65
CA LEU A 390 8.96 18.20 13.91
C LEU A 390 10.33 18.02 14.57
N LEU A 391 11.01 16.90 14.39
CA LEU A 391 12.22 16.62 15.16
C LEU A 391 13.49 16.87 14.38
N GLY A 392 13.45 16.69 13.08
CA GLY A 392 14.68 16.75 12.26
C GLY A 392 15.37 15.41 12.27
N GLU A 393 16.22 15.13 11.29
CA GLU A 393 16.85 13.80 11.13
C GLU A 393 17.66 13.37 12.35
N GLU A 394 18.46 14.25 12.93
CA GLU A 394 19.30 13.79 14.04
C GLU A 394 18.43 13.34 15.22
N ASN A 395 17.43 14.12 15.58
CA ASN A 395 16.60 13.78 16.70
C ASN A 395 15.72 12.58 16.41
N PHE A 396 15.24 12.44 15.18
CA PHE A 396 14.37 11.34 14.81
C PHE A 396 15.17 10.04 14.95
N GLN A 397 16.41 10.06 14.49
CA GLN A 397 17.32 8.94 14.62
C GLN A 397 17.60 8.51 16.08
N LYS A 398 17.70 9.49 16.97
CA LYS A 398 17.86 9.22 18.38
C LYS A 398 16.64 8.53 18.97
N GLY A 399 15.47 8.96 18.53
CA GLY A 399 14.25 8.29 18.88
C GLY A 399 14.22 6.84 18.39
N MET A 400 14.65 6.60 17.16
CA MET A 400 14.67 5.25 16.67
C MET A 400 15.56 4.39 17.58
N GLN A 401 16.77 4.89 17.82
CA GLN A 401 17.68 4.22 18.73
C GLN A 401 17.01 3.94 20.11
N LEU A 402 16.32 4.91 20.70
CA LEU A 402 15.72 4.66 22.02
C LEU A 402 14.58 3.66 21.90
N TYR A 403 13.84 3.71 20.80
CA TYR A 403 12.75 2.79 20.58
C TYR A 403 13.28 1.33 20.59
N PHE A 404 14.36 1.11 19.88
CA PHE A 404 14.94 -0.23 19.85
C PHE A 404 15.54 -0.61 21.22
N GLU A 405 16.25 0.32 21.83
CA GLU A 405 16.88 0.05 23.09
C GLU A 405 15.79 -0.33 24.04
N ARG A 406 14.72 0.42 24.12
CA ARG A 406 13.66 -0.01 25.00
C ARG A 406 12.93 -1.27 24.64
N HIS A 407 12.61 -1.53 23.37
CA HIS A 407 11.56 -2.50 23.00
C HIS A 407 12.00 -3.64 22.09
N ASP A 408 13.28 -3.65 21.73
CA ASP A 408 13.85 -4.82 21.05
C ASP A 408 13.48 -6.12 21.78
N GLY A 409 13.02 -7.14 21.09
CA GLY A 409 12.62 -8.39 21.74
C GLY A 409 11.22 -8.39 22.29
N SER A 410 10.49 -7.29 22.20
CA SER A 410 9.12 -7.33 22.69
C SER A 410 8.09 -6.79 21.71
N ALA A 411 6.84 -6.79 22.16
CA ALA A 411 5.73 -6.21 21.44
C ALA A 411 5.39 -4.84 22.07
N ALA A 412 5.12 -3.82 21.25
CA ALA A 412 4.98 -2.45 21.72
C ALA A 412 3.75 -1.80 21.14
N THR A 413 3.49 -0.60 21.61
CA THR A 413 2.31 0.11 21.14
C THR A 413 2.70 1.34 20.35
N CYS A 414 1.72 1.91 19.66
CA CYS A 414 1.95 3.20 19.02
C CYS A 414 2.50 4.25 20.05
N ASP A 415 1.88 4.27 21.23
CA ASP A 415 2.21 5.20 22.22
C ASP A 415 3.63 5.01 22.67
N ASP A 416 4.10 3.76 22.74
CA ASP A 416 5.50 3.51 23.14
C ASP A 416 6.51 4.16 22.21
N PHE A 417 6.20 4.10 20.92
CA PHE A 417 7.02 4.63 19.86
C PHE A 417 7.00 6.12 19.95
N VAL A 418 5.79 6.69 20.15
CA VAL A 418 5.69 8.15 20.25
C VAL A 418 6.43 8.68 21.47
N GLN A 419 6.41 7.90 22.54
CA GLN A 419 7.19 8.25 23.68
C GLN A 419 8.71 8.18 23.56
N ALA A 420 9.21 7.20 22.81
CA ALA A 420 10.62 7.13 22.53
C ALA A 420 11.03 8.37 21.74
N MET A 421 10.21 8.79 20.79
CA MET A 421 10.55 10.01 20.04
C MET A 421 10.55 11.27 20.95
N GLU A 422 9.55 11.35 21.82
CA GLU A 422 9.47 12.43 22.79
C GLU A 422 10.71 12.47 23.74
N ASP A 423 11.02 11.34 24.37
CA ASP A 423 12.08 11.28 25.39
C ASP A 423 13.46 11.50 24.78
N ALA A 424 13.69 10.96 23.60
CA ALA A 424 14.98 11.09 23.01
C ALA A 424 15.20 12.48 22.48
N SER A 425 14.13 13.18 22.12
CA SER A 425 14.30 14.43 21.34
C SER A 425 14.07 15.69 22.14
N ASN A 426 13.30 15.54 23.22
CA ASN A 426 12.73 16.62 24.03
C ASN A 426 11.63 17.50 23.41
N VAL A 427 11.12 17.09 22.26
CA VAL A 427 9.96 17.74 21.67
C VAL A 427 8.72 17.12 22.29
N ASP A 428 7.80 17.97 22.70
CA ASP A 428 6.60 17.46 23.30
C ASP A 428 5.59 16.98 22.28
N LEU A 429 5.25 15.70 22.32
CA LEU A 429 4.30 15.12 21.40
C LEU A 429 3.01 14.66 22.05
N SER A 430 2.64 15.23 23.19
CA SER A 430 1.34 14.87 23.84
C SER A 430 0.18 15.28 22.97
N HIS A 431 0.23 16.47 22.42
CA HIS A 431 -0.83 16.87 21.54
C HIS A 431 -0.76 16.08 20.22
N PHE A 432 0.43 15.95 19.71
CA PHE A 432 0.62 15.13 18.51
C PHE A 432 -0.02 13.73 18.57
N ARG A 433 -0.04 13.10 19.73
CA ARG A 433 -0.62 11.75 19.85
C ARG A 433 -2.03 11.70 19.37
N ARG A 434 -2.69 12.83 19.24
CA ARG A 434 -4.09 12.83 18.83
C ARG A 434 -4.23 12.34 17.40
N TRP A 435 -3.16 12.47 16.60
CA TRP A 435 -3.17 11.91 15.24
C TRP A 435 -3.45 10.41 15.18
N TYR A 436 -3.08 9.68 16.24
CA TYR A 436 -3.34 8.24 16.36
C TYR A 436 -4.78 7.91 16.71
N SER A 437 -5.44 8.78 17.47
CA SER A 437 -6.80 8.42 17.92
C SER A 437 -7.91 9.08 17.15
N GLN A 438 -7.62 9.99 16.24
CA GLN A 438 -8.70 10.68 15.47
C GLN A 438 -8.72 10.39 13.99
N SER A 439 -9.89 10.01 13.49
CA SER A 439 -10.11 9.72 12.09
C SER A 439 -10.45 10.97 11.32
N GLY A 440 -10.50 10.85 10.00
CA GLY A 440 -10.91 11.94 9.13
C GLY A 440 -9.76 12.89 8.74
N THR A 441 -10.00 13.66 7.67
CA THR A 441 -9.05 14.57 7.09
C THR A 441 -9.24 15.98 7.62
N PRO A 442 -8.28 16.50 8.36
CA PRO A 442 -8.47 17.92 8.70
C PRO A 442 -8.47 18.85 7.47
N ILE A 443 -9.14 19.97 7.65
CA ILE A 443 -9.23 20.99 6.66
C ILE A 443 -8.56 22.21 7.25
N VAL A 444 -7.54 22.70 6.60
CA VAL A 444 -6.82 23.82 7.14
C VAL A 444 -7.09 25.02 6.25
N THR A 445 -7.72 26.01 6.83
CA THR A 445 -8.07 27.21 6.10
C THR A 445 -7.01 28.29 6.33
N VAL A 446 -6.58 28.96 5.27
CA VAL A 446 -5.57 30.00 5.42
C VAL A 446 -6.07 31.33 4.82
N LYS A 447 -5.92 32.38 5.61
CA LYS A 447 -6.24 33.73 5.19
C LYS A 447 -4.98 34.57 5.41
N ASP A 448 -4.67 35.43 4.43
CA ASP A 448 -3.47 36.28 4.58
C ASP A 448 -3.70 37.78 4.42
N ASP A 449 -2.77 38.54 4.99
CA ASP A 449 -2.74 39.99 4.86
C ASP A 449 -1.30 40.56 4.73
N TYR A 450 -1.10 41.47 3.78
CA TYR A 450 0.14 42.19 3.70
C TYR A 450 -0.10 43.62 4.10
N ASN A 451 0.82 44.14 4.89
CA ASN A 451 0.72 45.49 5.36
C ASN A 451 1.98 46.24 5.00
N PRO A 452 1.89 47.10 3.96
CA PRO A 452 3.10 47.76 3.43
C PRO A 452 3.71 48.84 4.37
N GLU A 453 2.92 49.36 5.29
CA GLU A 453 3.41 50.32 6.26
C GLU A 453 4.45 49.65 7.14
N THR A 454 4.03 48.53 7.73
CA THR A 454 4.81 47.81 8.74
C THR A 454 5.70 46.72 8.14
N GLU A 455 5.59 46.48 6.83
CA GLU A 455 6.23 45.36 6.16
C GLU A 455 5.95 44.02 6.88
N GLN A 456 4.68 43.82 7.26
CA GLN A 456 4.24 42.59 7.91
C GLN A 456 3.26 41.76 7.11
N TYR A 457 3.49 40.45 7.13
CA TYR A 457 2.63 39.47 6.50
C TYR A 457 1.94 38.69 7.59
N THR A 458 0.64 38.55 7.54
CA THR A 458 -0.10 37.88 8.62
C THR A 458 -0.86 36.69 8.10
N LEU A 459 -0.63 35.52 8.69
CA LEU A 459 -1.35 34.31 8.30
C LEU A 459 -2.31 34.03 9.38
N THR A 460 -3.60 33.93 9.01
CA THR A 460 -4.57 33.43 9.92
C THR A 460 -4.95 32.06 9.46
N ILE A 461 -4.54 31.07 10.22
CA ILE A 461 -4.70 29.66 9.90
C ILE A 461 -5.68 29.10 10.90
N SER A 462 -6.65 28.38 10.41
CA SER A 462 -7.62 27.77 11.30
C SER A 462 -7.85 26.34 10.78
N GLN A 463 -8.36 25.47 11.63
CA GLN A 463 -8.46 24.06 11.29
C GLN A 463 -9.72 23.50 11.81
N ARG A 464 -10.35 22.62 11.07
CA ARG A 464 -11.41 21.82 11.63
C ARG A 464 -11.34 20.42 11.01
N THR A 465 -11.70 19.41 11.78
CA THR A 465 -11.97 18.07 11.19
C THR A 465 -13.50 17.82 11.21
N PRO A 466 -14.08 17.60 10.04
CA PRO A 466 -15.50 17.30 10.04
C PRO A 466 -15.77 15.98 10.70
N ALA A 467 -16.97 15.78 11.23
CA ALA A 467 -17.33 14.51 11.85
C ALA A 467 -17.18 13.39 10.84
N THR A 468 -16.84 12.19 11.30
CA THR A 468 -16.81 11.01 10.43
C THR A 468 -17.83 9.98 10.89
N PRO A 469 -18.23 9.05 9.98
CA PRO A 469 -19.12 7.95 10.35
C PRO A 469 -18.76 7.26 11.65
N ASP A 470 -17.46 7.16 11.91
CA ASP A 470 -16.96 6.44 13.07
C ASP A 470 -16.79 7.29 14.32
N GLN A 471 -16.65 8.61 14.22
CA GLN A 471 -16.55 9.46 15.41
C GLN A 471 -17.35 10.78 15.28
N ALA A 472 -18.00 11.18 16.38
CA ALA A 472 -18.78 12.40 16.39
C ALA A 472 -18.01 13.54 17.02
N GLU A 473 -16.95 13.21 17.74
CA GLU A 473 -16.24 14.20 18.46
C GLU A 473 -14.87 14.33 17.79
N LYS A 474 -14.58 15.54 17.33
CA LYS A 474 -13.31 15.87 16.72
C LYS A 474 -12.64 16.99 17.49
N GLN A 475 -11.33 17.14 17.38
CA GLN A 475 -10.58 18.16 18.08
C GLN A 475 -9.38 18.66 17.28
N PRO A 476 -8.81 19.81 17.66
CA PRO A 476 -7.69 20.30 16.90
C PRO A 476 -6.45 19.42 17.07
N LEU A 477 -5.70 19.30 15.98
CA LEU A 477 -4.51 18.52 15.94
C LEU A 477 -3.29 19.37 16.03
N HIS A 478 -2.16 18.72 16.24
CA HIS A 478 -0.89 19.40 16.19
C HIS A 478 -0.41 19.29 14.77
N ILE A 479 -0.58 20.38 14.03
CA ILE A 479 -0.36 20.35 12.58
C ILE A 479 0.88 21.08 12.23
N PRO A 480 1.91 20.36 11.78
CA PRO A 480 3.13 21.05 11.28
C PRO A 480 2.89 21.61 9.87
N PHE A 481 2.94 22.94 9.78
CA PHE A 481 2.48 23.68 8.58
C PHE A 481 3.64 24.45 7.98
N ALA A 482 4.26 23.88 6.95
CA ALA A 482 5.50 24.46 6.45
C ALA A 482 5.20 25.51 5.40
N ILE A 483 5.88 26.64 5.48
CA ILE A 483 5.74 27.66 4.47
C ILE A 483 7.07 28.14 3.92
N GLU A 484 7.03 28.68 2.71
CA GLU A 484 8.08 29.58 2.17
C GLU A 484 7.42 30.82 1.55
N LEU A 485 8.04 32.00 1.75
CA LEU A 485 7.53 33.23 1.14
C LEU A 485 8.42 33.69 -0.01
N TYR A 486 7.85 33.91 -1.18
CA TYR A 486 8.62 34.35 -2.35
C TYR A 486 8.38 35.81 -2.62
N ASP A 487 9.45 36.53 -2.91
CA ASP A 487 9.34 37.95 -3.27
C ASP A 487 9.11 38.05 -4.80
N ASN A 488 9.11 39.26 -5.33
CA ASN A 488 8.71 39.47 -6.76
C ASN A 488 9.65 38.93 -7.79
N GLU A 489 10.90 38.72 -7.44
CA GLU A 489 11.85 38.11 -8.34
C GLU A 489 11.99 36.61 -8.16
N GLY A 490 11.18 36.00 -7.31
CA GLY A 490 11.25 34.58 -7.05
C GLY A 490 12.21 34.11 -5.97
N LYS A 491 12.77 35.03 -5.20
CA LYS A 491 13.74 34.71 -4.17
C LYS A 491 13.01 34.55 -2.86
N VAL A 492 13.55 33.75 -1.94
CA VAL A 492 12.87 33.50 -0.71
C VAL A 492 13.05 34.68 0.20
N ILE A 493 11.97 35.13 0.82
CA ILE A 493 12.02 36.14 1.86
C ILE A 493 12.26 35.43 3.18
N PRO A 494 13.27 35.85 3.95
CA PRO A 494 13.52 35.21 5.26
C PRO A 494 12.38 35.41 6.22
N LEU A 495 12.09 34.40 7.02
CA LEU A 495 11.02 34.50 7.99
C LEU A 495 11.55 35.05 9.29
N GLN A 496 11.00 36.13 9.81
CA GLN A 496 11.55 36.75 10.98
C GLN A 496 10.42 37.11 11.84
N LYS A 497 10.69 37.31 13.11
CA LYS A 497 9.74 38.02 13.93
C LYS A 497 10.56 38.78 14.95
N GLY A 498 10.19 40.02 15.24
CA GLY A 498 11.05 40.92 16.00
C GLY A 498 12.51 40.79 15.59
N GLY A 499 12.79 40.76 14.28
CA GLY A 499 14.19 40.68 13.79
C GLY A 499 15.05 39.53 14.34
N HIS A 500 14.38 38.44 14.75
CA HIS A 500 15.04 37.21 15.04
C HIS A 500 14.43 36.17 14.13
N PRO A 501 15.27 35.32 13.50
CA PRO A 501 14.74 34.21 12.73
C PRO A 501 13.64 33.39 13.36
N VAL A 502 12.82 32.80 12.51
CA VAL A 502 11.65 32.03 12.90
C VAL A 502 11.66 30.79 12.02
N ASN A 503 11.18 29.71 12.63
CA ASN A 503 11.26 28.43 11.96
C ASN A 503 10.18 28.35 10.88
N SER A 504 10.51 27.77 9.73
CA SER A 504 9.53 27.75 8.62
C SER A 504 8.44 26.67 8.73
N VAL A 505 8.47 25.86 9.79
CA VAL A 505 7.40 24.91 10.06
C VAL A 505 6.59 25.48 11.18
N LEU A 506 5.33 25.72 10.93
CA LEU A 506 4.54 26.42 11.91
C LEU A 506 3.74 25.43 12.70
N ASN A 507 3.68 25.64 14.00
CA ASN A 507 2.92 24.76 14.85
C ASN A 507 1.48 25.15 14.99
N VAL A 508 0.68 24.62 14.09
CA VAL A 508 -0.69 25.00 14.06
C VAL A 508 -1.36 24.09 15.03
N THR A 509 -1.51 24.52 16.26
CA THR A 509 -2.08 23.65 17.33
C THR A 509 -3.47 23.98 17.84
N GLN A 510 -4.08 25.07 17.36
CA GLN A 510 -5.36 25.51 17.85
C GLN A 510 -6.39 25.53 16.73
N ALA A 511 -7.65 25.74 17.09
CA ALA A 511 -8.73 25.83 16.09
C ALA A 511 -8.51 27.05 15.19
N GLU A 512 -7.92 28.08 15.77
CA GLU A 512 -7.59 29.27 15.05
C GLU A 512 -6.44 30.00 15.72
N GLN A 513 -5.51 30.48 14.91
CA GLN A 513 -4.36 31.24 15.35
C GLN A 513 -3.80 32.14 14.26
N THR A 514 -2.94 33.05 14.65
CA THR A 514 -2.46 34.09 13.77
C THR A 514 -0.97 34.13 13.90
N PHE A 515 -0.27 34.14 12.77
CA PHE A 515 1.16 34.24 12.75
C PHE A 515 1.51 35.50 11.98
N VAL A 516 2.48 36.25 12.50
CA VAL A 516 2.88 37.54 11.94
C VAL A 516 4.37 37.52 11.68
N PHE A 517 4.76 37.91 10.49
CA PHE A 517 6.16 37.89 10.12
C PHE A 517 6.60 39.29 9.80
N ASP A 518 7.81 39.67 10.22
CA ASP A 518 8.33 41.03 10.07
CA ASP A 518 8.26 41.03 9.97
C ASP A 518 9.39 41.06 8.96
N ASN A 519 9.70 42.26 8.47
CA ASN A 519 10.66 42.40 7.38
C ASN A 519 10.31 41.65 6.13
N VAL A 520 9.01 41.67 5.83
CA VAL A 520 8.56 41.08 4.58
C VAL A 520 8.62 42.27 3.63
N TYR A 521 9.71 42.32 2.88
CA TYR A 521 10.02 43.55 2.18
C TYR A 521 9.19 43.72 0.92
N PHE A 522 8.32 42.78 0.59
CA PHE A 522 7.55 42.87 -0.65
C PHE A 522 6.40 41.93 -0.45
N GLN A 523 5.28 42.17 -1.11
CA GLN A 523 4.10 41.33 -0.93
C GLN A 523 4.35 39.92 -1.49
N PRO A 524 4.35 38.90 -0.60
CA PRO A 524 4.81 37.58 -0.98
C PRO A 524 3.77 36.78 -1.71
N VAL A 525 4.22 35.95 -2.62
CA VAL A 525 3.46 34.80 -3.02
C VAL A 525 3.92 33.67 -2.08
N PRO A 526 3.00 33.07 -1.34
CA PRO A 526 3.35 31.96 -0.45
C PRO A 526 3.28 30.56 -1.06
N ALA A 527 4.23 29.72 -0.71
CA ALA A 527 4.02 28.27 -0.79
C ALA A 527 3.55 27.83 0.60
N LEU A 528 2.40 27.15 0.61
CA LEU A 528 1.75 26.71 1.85
C LEU A 528 1.73 25.16 1.87
N LEU A 529 1.69 24.59 3.08
CA LEU A 529 1.69 23.17 3.29
C LEU A 529 2.83 22.48 2.50
N CYS A 530 3.96 23.13 2.56
CA CYS A 530 5.13 22.79 1.79
C CYS A 530 5.48 21.31 1.89
N GLU A 531 5.61 20.68 0.74
CA GLU A 531 5.78 19.22 0.68
C GLU A 531 4.75 18.41 1.41
N PHE A 532 3.56 18.95 1.55
CA PHE A 532 2.44 18.24 2.14
C PHE A 532 2.86 17.91 3.56
N SER A 533 3.21 18.95 4.28
CA SER A 533 3.82 18.81 5.57
C SER A 533 2.91 18.15 6.59
N ALA A 534 1.63 18.09 6.29
CA ALA A 534 0.67 17.39 7.11
C ALA A 534 -0.38 16.93 6.15
N PRO A 535 -1.05 15.82 6.45
CA PRO A 535 -2.07 15.24 5.56
C PRO A 535 -3.40 15.92 5.76
N VAL A 536 -3.53 17.07 5.11
CA VAL A 536 -4.69 17.95 5.28
C VAL A 536 -5.13 18.52 3.95
N LYS A 537 -6.42 18.81 3.84
CA LYS A 537 -6.92 19.59 2.74
C LYS A 537 -6.62 21.02 3.04
N LEU A 538 -6.07 21.75 2.08
CA LEU A 538 -5.75 23.15 2.31
C LEU A 538 -6.77 23.97 1.62
N GLU A 539 -7.32 24.96 2.33
CA GLU A 539 -8.22 25.97 1.73
C GLU A 539 -7.60 27.34 1.76
N TYR A 540 -7.26 27.83 0.60
CA TYR A 540 -6.71 29.16 0.47
C TYR A 540 -7.13 29.64 -0.86
N LYS A 541 -7.52 30.89 -0.96
CA LYS A 541 -8.05 31.54 -2.18
C LYS A 541 -6.87 32.04 -3.05
N TRP A 542 -6.32 31.13 -3.83
CA TRP A 542 -5.26 31.43 -4.77
C TRP A 542 -5.83 32.18 -5.96
N SER A 543 -5.03 33.09 -6.48
CA SER A 543 -5.29 33.67 -7.77
C SER A 543 -4.55 32.72 -8.74
N ASP A 544 -5.01 32.54 -9.99
CA ASP A 544 -4.24 31.78 -10.97
C ASP A 544 -2.78 32.23 -11.13
N GLN A 545 -2.50 33.50 -10.84
CA GLN A 545 -1.21 34.08 -11.18
C GLN A 545 -0.18 33.72 -10.14
N GLN A 546 -0.63 33.70 -8.87
CA GLN A 546 0.14 33.13 -7.77
C GLN A 546 0.55 31.70 -8.08
N LEU A 547 -0.42 30.89 -8.55
CA LEU A 547 -0.14 29.54 -8.91
C LEU A 547 0.86 29.45 -10.06
N THR A 548 0.67 30.20 -11.15
CA THR A 548 1.68 30.14 -12.25
C THR A 548 3.03 30.68 -11.77
N PHE A 549 3.01 31.67 -10.89
CA PHE A 549 4.22 32.21 -10.37
C PHE A 549 4.99 31.08 -9.70
N LEU A 550 4.33 30.29 -8.84
CA LEU A 550 5.00 29.20 -8.16
C LEU A 550 5.50 28.14 -9.14
N MET A 551 4.74 27.84 -10.18
CA MET A 551 5.21 26.89 -11.18
C MET A 551 6.53 27.26 -11.82
N ARG A 552 6.78 28.55 -12.04
CA ARG A 552 8.05 29.02 -12.60
C ARG A 552 9.11 29.22 -11.54
N HIS A 553 8.79 29.79 -10.39
CA HIS A 553 9.83 30.28 -9.45
C HIS A 553 10.01 29.47 -8.19
N ALA A 554 9.08 28.59 -7.83
CA ALA A 554 9.16 28.02 -6.47
C ALA A 554 10.41 27.17 -6.42
N ARG A 555 11.11 27.21 -5.30
CA ARG A 555 12.43 26.57 -5.22
C ARG A 555 12.34 25.04 -4.96
N ASN A 556 11.25 24.63 -4.38
CA ASN A 556 10.99 23.25 -4.03
C ASN A 556 10.27 22.58 -5.20
N ASP A 557 10.87 21.59 -5.85
CA ASP A 557 10.19 20.95 -6.98
C ASP A 557 8.77 20.54 -6.70
N PHE A 558 8.52 20.04 -5.50
CA PHE A 558 7.22 19.51 -5.18
C PHE A 558 6.17 20.64 -5.24
N SER A 559 6.57 21.86 -4.89
CA SER A 559 5.66 23.01 -4.89
C SER A 559 5.27 23.43 -6.28
N ARG A 560 6.20 23.29 -7.20
CA ARG A 560 5.91 23.49 -8.58
C ARG A 560 4.83 22.52 -9.04
N TRP A 561 4.94 21.27 -8.67
CA TRP A 561 3.96 20.31 -9.11
C TRP A 561 2.61 20.64 -8.51
N ASP A 562 2.67 20.90 -7.23
CA ASP A 562 1.51 21.09 -6.40
C ASP A 562 0.71 22.34 -6.77
N ALA A 563 1.42 23.38 -7.17
CA ALA A 563 0.81 24.61 -7.68
C ALA A 563 0.06 24.34 -8.97
N ALA A 564 0.73 23.62 -9.87
CA ALA A 564 0.06 23.11 -11.05
C ALA A 564 -1.17 22.29 -10.72
N GLN A 565 -1.18 21.61 -9.57
CA GLN A 565 -2.36 20.78 -9.31
C GLN A 565 -3.49 21.65 -8.81
N SER A 566 -3.17 22.56 -7.93
CA SER A 566 -4.11 23.55 -7.53
C SER A 566 -4.64 24.32 -8.75
N LEU A 567 -3.79 24.68 -9.72
CA LEU A 567 -4.25 25.40 -10.92
C LEU A 567 -5.27 24.56 -11.70
N LEU A 568 -4.94 23.28 -11.93
CA LEU A 568 -5.84 22.44 -12.65
C LEU A 568 -7.13 22.17 -11.90
N ALA A 569 -7.04 22.11 -10.58
CA ALA A 569 -8.22 21.80 -9.79
C ALA A 569 -9.35 22.84 -10.09
N THR A 570 -9.02 24.12 -10.16
CA THR A 570 -10.04 25.09 -10.49
C THR A 570 -10.71 24.78 -11.83
N TYR A 571 -9.92 24.43 -12.82
CA TYR A 571 -10.50 24.24 -14.11
C TYR A 571 -11.12 22.86 -14.26
N ILE A 572 -10.80 21.91 -13.39
CA ILE A 572 -11.50 20.63 -13.45
C ILE A 572 -12.95 20.82 -12.95
N LYS A 573 -13.10 21.59 -11.91
CA LYS A 573 -14.40 21.89 -11.36
C LYS A 573 -15.25 22.69 -12.33
N LEU A 574 -14.61 23.66 -12.95
CA LEU A 574 -15.29 24.51 -13.86
C LEU A 574 -15.85 23.66 -14.99
N ASN A 575 -14.99 22.84 -15.58
CA ASN A 575 -15.41 21.98 -16.64
C ASN A 575 -16.32 20.80 -16.29
N VAL A 576 -16.31 20.32 -15.05
CA VAL A 576 -17.34 19.36 -14.65
C VAL A 576 -18.74 20.03 -14.66
N ALA A 577 -18.82 21.28 -14.16
CA ALA A 577 -20.04 22.10 -14.23
C ALA A 577 -20.50 22.38 -15.66
N ARG A 578 -19.55 22.79 -16.51
CA ARG A 578 -19.81 22.98 -17.92
C ARG A 578 -20.31 21.64 -18.49
N HIS A 579 -19.71 20.52 -18.10
CA HIS A 579 -20.15 19.25 -18.68
C HIS A 579 -21.60 18.96 -18.29
N GLN A 580 -21.96 19.27 -17.06
CA GLN A 580 -23.32 19.01 -16.59
C GLN A 580 -24.41 19.81 -17.31
N GLN A 581 -24.02 20.92 -17.95
CA GLN A 581 -24.93 21.79 -18.68
C GLN A 581 -24.80 21.61 -20.20
N GLY A 582 -24.13 20.58 -20.66
CA GLY A 582 -23.89 20.40 -22.10
C GLY A 582 -22.93 21.37 -22.76
N GLN A 583 -22.05 22.00 -22.02
CA GLN A 583 -21.14 22.92 -22.66
C GLN A 583 -19.80 22.30 -22.95
N PRO A 584 -19.06 22.86 -23.92
CA PRO A 584 -17.72 22.37 -24.17
C PRO A 584 -16.72 22.84 -23.11
N LEU A 585 -15.61 22.11 -22.97
CA LEU A 585 -14.51 22.61 -22.21
C LEU A 585 -14.25 24.16 -22.41
N SER A 586 -14.07 24.92 -21.29
CA SER A 586 -13.52 26.30 -21.27
C SER A 586 -12.15 26.21 -20.61
N LEU A 587 -11.12 26.90 -21.12
CA LEU A 587 -9.77 26.83 -20.52
C LEU A 587 -8.93 28.01 -20.90
N PRO A 588 -8.57 28.88 -19.93
CA PRO A 588 -7.89 30.08 -20.39
C PRO A 588 -6.53 29.81 -20.99
N VAL A 589 -6.08 30.77 -21.75
CA VAL A 589 -4.82 30.61 -22.45
C VAL A 589 -3.65 30.61 -21.48
N HIS A 590 -3.71 31.44 -20.44
CA HIS A 590 -2.61 31.51 -19.48
C HIS A 590 -2.36 30.20 -18.76
N VAL A 591 -3.42 29.44 -18.54
CA VAL A 591 -3.28 28.10 -18.01
C VAL A 591 -2.45 27.29 -18.97
N ALA A 592 -2.92 27.10 -20.20
CA ALA A 592 -2.10 26.43 -21.26
C ALA A 592 -0.64 26.90 -21.41
N ASP A 593 -0.44 28.21 -21.36
CA ASP A 593 0.89 28.81 -21.41
C ASP A 593 1.75 28.31 -20.29
N ALA A 594 1.18 28.24 -19.08
CA ALA A 594 1.90 27.71 -17.90
C ALA A 594 2.45 26.29 -18.12
N PHE A 595 1.62 25.44 -18.73
CA PHE A 595 2.07 24.10 -19.02
C PHE A 595 3.00 24.05 -20.20
N ARG A 596 2.91 25.01 -21.12
CA ARG A 596 3.89 25.09 -22.24
C ARG A 596 5.25 25.46 -21.68
N ALA A 597 5.26 26.43 -20.76
CA ALA A 597 6.47 26.87 -20.08
C ALA A 597 7.22 25.74 -19.41
N VAL A 598 6.49 24.79 -18.84
CA VAL A 598 7.14 23.69 -18.13
C VAL A 598 7.84 22.78 -19.13
N LEU A 599 7.09 22.38 -20.16
CA LEU A 599 7.56 21.55 -21.25
C LEU A 599 8.83 22.01 -21.95
N LEU A 600 9.01 23.33 -22.06
CA LEU A 600 10.19 23.90 -22.70
C LEU A 600 11.07 24.65 -21.69
N ASP A 601 10.94 24.38 -20.41
CA ASP A 601 11.99 24.77 -19.49
C ASP A 601 13.06 23.64 -19.58
N GLU A 602 14.28 24.00 -19.97
CA GLU A 602 15.34 23.02 -20.23
C GLU A 602 16.18 22.74 -18.98
N LYS A 603 15.94 23.51 -17.92
CA LYS A 603 16.59 23.30 -16.62
C LYS A 603 15.70 22.54 -15.57
N ILE A 604 14.54 22.09 -15.99
CA ILE A 604 13.63 21.36 -15.11
C ILE A 604 13.89 19.88 -15.24
N ASP A 605 13.89 19.13 -14.14
CA ASP A 605 14.15 17.69 -14.22
C ASP A 605 13.05 17.10 -15.12
N PRO A 606 13.41 16.33 -16.14
CA PRO A 606 12.32 15.69 -16.91
C PRO A 606 11.30 14.87 -16.08
N ALA A 607 11.67 14.41 -14.89
CA ALA A 607 10.72 13.59 -14.12
C ALA A 607 9.65 14.48 -13.49
N LEU A 608 10.07 15.63 -13.00
CA LEU A 608 9.15 16.64 -12.58
C LEU A 608 8.19 17.06 -13.69
N ALA A 609 8.73 17.38 -14.87
CA ALA A 609 7.90 17.81 -15.98
C ALA A 609 6.89 16.76 -16.28
N ALA A 610 7.32 15.51 -16.24
CA ALA A 610 6.42 14.42 -16.49
C ALA A 610 5.25 14.34 -15.46
N GLU A 611 5.50 14.62 -14.19
CA GLU A 611 4.41 14.56 -13.22
C GLU A 611 3.44 15.74 -13.40
N ILE A 612 4.01 16.91 -13.63
CA ILE A 612 3.24 18.10 -13.91
C ILE A 612 2.32 17.91 -15.11
N LEU A 613 2.77 17.14 -16.10
CA LEU A 613 2.00 16.79 -17.31
C LEU A 613 1.17 15.53 -17.19
N THR A 614 1.15 14.97 -16.00
CA THR A 614 0.25 13.89 -15.68
C THR A 614 -0.92 14.53 -14.94
N LEU A 615 -2.10 14.40 -15.55
CA LEU A 615 -3.33 14.97 -15.00
C LEU A 615 -3.80 14.20 -13.78
N PRO A 616 -4.48 14.89 -12.85
CA PRO A 616 -4.99 14.12 -11.75
C PRO A 616 -5.81 12.96 -12.25
N SER A 617 -5.77 11.81 -11.55
CA SER A 617 -6.57 10.64 -11.92
C SER A 617 -8.04 10.94 -11.58
N VAL A 618 -8.92 10.05 -12.02
CA VAL A 618 -10.33 10.23 -11.76
C VAL A 618 -10.64 10.20 -10.29
N ASN A 619 -9.91 9.38 -9.54
CA ASN A 619 -10.06 9.34 -8.09
C ASN A 619 -9.57 10.61 -7.41
N GLU A 620 -8.44 11.12 -7.87
CA GLU A 620 -7.88 12.34 -7.34
C GLU A 620 -8.86 13.49 -7.60
N MET A 621 -9.45 13.57 -8.79
N MET A 621 -9.42 13.46 -8.81
CA MET A 621 -10.33 14.71 -8.97
CA MET A 621 -10.37 14.48 -9.24
C MET A 621 -11.73 14.49 -8.39
C MET A 621 -11.62 14.44 -8.37
N ALA A 622 -12.18 13.24 -8.24
CA ALA A 622 -13.41 13.01 -7.42
C ALA A 622 -13.35 13.62 -6.03
N GLU A 623 -12.16 13.68 -5.42
CA GLU A 623 -12.00 14.34 -4.12
C GLU A 623 -12.38 15.83 -4.08
N LEU A 624 -12.44 16.46 -5.24
CA LEU A 624 -12.77 17.88 -5.33
C LEU A 624 -14.27 18.18 -5.19
N PHE A 625 -15.13 17.16 -5.22
CA PHE A 625 -16.57 17.32 -5.23
C PHE A 625 -17.21 16.79 -3.97
N ASP A 626 -18.45 17.20 -3.68
CA ASP A 626 -19.22 16.57 -2.60
C ASP A 626 -19.98 15.42 -3.20
N ILE A 627 -20.72 15.72 -4.25
CA ILE A 627 -21.33 14.67 -5.01
C ILE A 627 -20.41 14.41 -6.19
N ILE A 628 -20.09 13.16 -6.43
CA ILE A 628 -19.23 12.85 -7.53
C ILE A 628 -20.14 12.64 -8.74
N ASP A 629 -19.84 13.29 -9.86
CA ASP A 629 -20.39 12.83 -11.13
C ASP A 629 -19.27 12.10 -11.89
N PRO A 630 -19.20 10.75 -11.76
CA PRO A 630 -18.05 10.05 -12.36
C PRO A 630 -18.06 10.10 -13.87
N ILE A 631 -19.24 10.26 -14.49
CA ILE A 631 -19.22 10.31 -15.95
C ILE A 631 -18.59 11.60 -16.45
N ALA A 632 -19.01 12.70 -15.83
CA ALA A 632 -18.51 14.03 -16.14
C ALA A 632 -17.02 14.13 -15.97
N ILE A 633 -16.52 13.61 -14.83
CA ILE A 633 -15.07 13.64 -14.47
C ILE A 633 -14.23 12.90 -15.53
N ALA A 634 -14.61 11.67 -15.82
CA ALA A 634 -14.05 10.93 -16.95
C ALA A 634 -14.12 11.78 -18.22
N GLU A 635 -15.32 12.10 -18.68
CA GLU A 635 -15.42 12.91 -19.87
C GLU A 635 -14.55 14.19 -19.77
N VAL A 636 -14.44 14.80 -18.59
CA VAL A 636 -13.64 16.05 -18.46
C VAL A 636 -12.13 15.79 -18.57
N ARG A 637 -11.68 14.64 -18.09
CA ARG A 637 -10.25 14.29 -18.10
C ARG A 637 -9.77 14.15 -19.56
N GLU A 638 -10.56 13.35 -20.31
CA GLU A 638 -10.50 13.21 -21.77
C GLU A 638 -10.44 14.57 -22.51
N ALA A 639 -11.40 15.45 -22.26
CA ALA A 639 -11.44 16.73 -22.95
C ALA A 639 -10.22 17.60 -22.64
N LEU A 640 -9.81 17.59 -21.38
CA LEU A 640 -8.74 18.47 -20.93
C LEU A 640 -7.42 18.04 -21.58
N THR A 641 -7.29 16.73 -21.72
CA THR A 641 -6.21 16.12 -22.42
C THR A 641 -6.20 16.48 -23.88
N ARG A 642 -7.32 16.32 -24.60
CA ARG A 642 -7.43 16.76 -26.02
C ARG A 642 -7.02 18.20 -26.21
N THR A 643 -7.50 19.06 -25.31
CA THR A 643 -7.28 20.46 -25.42
C THR A 643 -5.81 20.77 -25.34
N LEU A 644 -5.16 20.28 -24.31
CA LEU A 644 -3.70 20.45 -24.19
C LEU A 644 -2.94 19.82 -25.39
N ALA A 645 -3.41 18.64 -25.83
CA ALA A 645 -2.82 17.99 -26.99
C ALA A 645 -2.89 18.83 -28.27
N THR A 646 -3.93 19.67 -28.38
CA THR A 646 -4.13 20.58 -29.50
C THR A 646 -3.34 21.82 -29.26
N GLU A 647 -3.50 22.40 -28.09
CA GLU A 647 -2.81 23.61 -27.75
C GLU A 647 -1.31 23.51 -27.74
N LEU A 648 -0.76 22.33 -27.45
CA LEU A 648 0.67 22.21 -27.29
C LEU A 648 1.21 21.16 -28.23
N ALA A 649 0.48 20.79 -29.29
CA ALA A 649 0.93 19.71 -30.21
C ALA A 649 2.41 19.78 -30.71
N ASP A 650 2.91 20.99 -30.97
CA ASP A 650 4.26 21.17 -31.52
C ASP A 650 5.33 20.91 -30.50
N GLU A 651 5.20 21.53 -29.35
CA GLU A 651 6.12 21.30 -28.23
C GLU A 651 6.11 19.84 -27.79
N LEU A 652 4.93 19.22 -27.81
CA LEU A 652 4.77 17.84 -27.35
C LEU A 652 5.48 16.84 -28.21
N LEU A 653 5.39 17.04 -29.52
CA LEU A 653 6.07 16.18 -30.45
C LEU A 653 7.59 16.45 -30.42
N ALA A 654 7.99 17.68 -30.18
CA ALA A 654 9.39 18.00 -30.10
C ALA A 654 10.02 17.24 -28.93
N ILE A 655 9.48 17.46 -27.74
CA ILE A 655 9.95 16.82 -26.50
C ILE A 655 9.86 15.30 -26.63
N TYR A 656 8.80 14.81 -27.25
CA TYR A 656 8.68 13.36 -27.49
C TYR A 656 9.89 12.82 -28.26
N ASN A 657 10.29 13.52 -29.31
CA ASN A 657 11.46 13.06 -30.09
C ASN A 657 12.78 13.30 -29.39
N ALA A 658 12.89 14.43 -28.72
CA ALA A 658 14.09 14.74 -27.98
C ALA A 658 14.45 13.68 -26.93
N ASN A 659 13.47 13.02 -26.31
CA ASN A 659 13.80 12.10 -25.22
C ASN A 659 13.74 10.68 -25.66
N TYR A 660 13.80 10.45 -26.98
CA TYR A 660 14.02 9.10 -27.51
C TYR A 660 15.37 8.54 -26.97
N GLN A 661 15.44 7.23 -26.73
CA GLN A 661 16.62 6.60 -26.11
C GLN A 661 16.82 5.26 -26.77
N SER A 662 18.00 5.00 -27.31
CA SER A 662 18.15 3.73 -28.06
C SER A 662 18.43 2.59 -27.08
N GLU A 663 19.19 2.92 -26.03
CA GLU A 663 19.44 2.01 -24.93
C GLU A 663 18.31 2.00 -23.89
N TYR A 664 17.91 0.82 -23.43
CA TYR A 664 17.07 0.69 -22.21
C TYR A 664 17.88 0.45 -20.94
N ARG A 665 17.70 1.35 -20.00
CA ARG A 665 18.31 1.21 -18.73
C ARG A 665 17.31 1.53 -17.64
N VAL A 666 17.42 0.76 -16.56
CA VAL A 666 16.69 0.99 -15.32
C VAL A 666 17.55 1.86 -14.41
N GLU A 667 17.60 3.13 -14.76
CA GLU A 667 18.44 4.06 -14.09
C GLU A 667 17.64 5.35 -14.03
N HIS A 668 17.77 6.06 -12.92
CA HIS A 668 16.85 7.12 -12.60
C HIS A 668 16.81 8.21 -13.66
N GLU A 669 17.93 8.68 -14.20
CA GLU A 669 17.91 9.65 -15.32
C GLU A 669 17.17 9.12 -16.58
N ASP A 670 17.37 7.84 -16.91
CA ASP A 670 16.70 7.28 -18.06
C ASP A 670 15.19 7.07 -17.86
N ILE A 671 14.79 6.63 -16.67
CA ILE A 671 13.40 6.48 -16.32
C ILE A 671 12.66 7.82 -16.43
N ALA A 672 13.32 8.91 -16.08
CA ALA A 672 12.72 10.24 -16.13
C ALA A 672 12.44 10.65 -17.55
N LYS A 673 13.42 10.47 -18.41
CA LYS A 673 13.25 10.83 -19.81
C LYS A 673 12.16 10.00 -20.50
N ARG A 674 12.13 8.70 -20.22
CA ARG A 674 11.13 7.79 -20.77
C ARG A 674 9.73 8.13 -20.21
N THR A 675 9.69 8.61 -18.97
CA THR A 675 8.42 8.97 -18.37
C THR A 675 7.86 10.23 -19.01
N LEU A 676 8.66 11.29 -19.09
CA LEU A 676 8.32 12.48 -19.86
C LEU A 676 7.93 12.13 -21.33
N ARG A 677 8.79 11.39 -22.01
CA ARG A 677 8.51 11.06 -23.39
C ARG A 677 7.13 10.42 -23.53
N ASN A 678 6.86 9.38 -22.75
CA ASN A 678 5.55 8.76 -22.79
C ASN A 678 4.38 9.60 -22.25
N ALA A 679 4.64 10.63 -21.46
CA ALA A 679 3.56 11.52 -21.12
C ALA A 679 3.23 12.31 -22.35
N CYS A 680 4.25 12.80 -23.05
CA CYS A 680 4.02 13.49 -24.32
C CYS A 680 3.24 12.62 -25.32
N LEU A 681 3.58 11.35 -25.40
CA LEU A 681 2.88 10.46 -26.30
C LEU A 681 1.40 10.31 -25.93
N ARG A 682 1.11 10.35 -24.66
CA ARG A 682 -0.24 10.17 -24.21
C ARG A 682 -1.09 11.31 -24.75
N PHE A 683 -0.60 12.55 -24.61
CA PHE A 683 -1.32 13.70 -25.18
C PHE A 683 -1.51 13.58 -26.69
N LEU A 684 -0.42 13.32 -27.40
CA LEU A 684 -0.46 13.25 -28.84
C LEU A 684 -1.45 12.21 -29.28
N ALA A 685 -1.69 11.19 -28.47
CA ALA A 685 -2.68 10.17 -28.84
C ALA A 685 -4.09 10.75 -28.85
N PHE A 686 -4.27 11.81 -28.07
CA PHE A 686 -5.52 12.55 -28.07
C PHE A 686 -5.57 13.78 -29.01
N GLY A 687 -4.67 13.80 -30.00
CA GLY A 687 -4.58 14.89 -30.96
C GLY A 687 -4.98 14.42 -32.35
N GLU A 688 -4.30 14.95 -33.35
CA GLU A 688 -4.59 14.60 -34.73
C GLU A 688 -4.56 13.06 -34.83
N THR A 689 -5.67 12.48 -35.25
CA THR A 689 -5.85 11.03 -35.26
C THR A 689 -4.86 10.23 -36.11
N HIS A 690 -4.56 10.61 -37.34
CA HIS A 690 -3.59 9.84 -38.14
C HIS A 690 -2.17 9.80 -37.51
N LEU A 691 -1.63 10.96 -37.13
CA LEU A 691 -0.31 11.04 -36.48
C LEU A 691 -0.29 10.14 -35.25
N ALA A 692 -1.38 10.19 -34.50
CA ALA A 692 -1.57 9.36 -33.32
C ALA A 692 -1.40 7.90 -33.64
N ASP A 693 -2.23 7.41 -34.57
CA ASP A 693 -2.20 6.01 -34.92
C ASP A 693 -0.78 5.58 -35.37
N VAL A 694 -0.03 6.50 -35.95
CA VAL A 694 1.27 6.19 -36.52
C VAL A 694 2.29 6.08 -35.43
N LEU A 695 2.51 7.18 -34.71
CA LEU A 695 3.38 7.18 -33.50
C LEU A 695 3.08 5.98 -32.56
N VAL A 696 1.84 5.83 -32.11
CA VAL A 696 1.48 4.79 -31.16
C VAL A 696 1.73 3.40 -31.74
N SER A 697 1.37 3.16 -32.99
CA SER A 697 1.65 1.86 -33.67
C SER A 697 3.16 1.52 -33.81
N LYS A 698 3.91 2.53 -34.20
CA LYS A 698 5.33 2.44 -34.39
C LYS A 698 6.06 2.15 -33.03
N GLN A 699 5.70 2.90 -32.00
CA GLN A 699 6.30 2.70 -30.69
C GLN A 699 5.98 1.31 -30.19
N PHE A 700 4.75 0.90 -30.37
CA PHE A 700 4.43 -0.43 -29.90
C PHE A 700 5.25 -1.49 -30.61
N HIS A 701 5.37 -1.42 -31.92
CA HIS A 701 6.09 -2.47 -32.67
C HIS A 701 7.58 -2.36 -32.48
N GLU A 702 8.09 -1.18 -32.20
CA GLU A 702 9.53 -0.99 -32.11
C GLU A 702 10.26 -0.98 -30.78
N ALA A 703 9.58 -0.99 -29.63
CA ALA A 703 10.27 -1.15 -28.33
C ALA A 703 10.58 -2.61 -28.23
N ASN A 704 11.62 -3.18 -27.61
CA ASN A 704 12.77 -2.68 -26.79
C ASN A 704 12.49 -3.11 -25.35
N ASN A 705 11.36 -2.67 -24.81
CA ASN A 705 10.94 -2.93 -23.46
C ASN A 705 9.45 -2.70 -23.28
N MET A 706 8.95 -3.20 -22.14
CA MET A 706 7.57 -3.22 -21.79
C MET A 706 7.10 -1.85 -21.39
N THR A 707 7.98 -1.01 -20.87
CA THR A 707 7.60 0.36 -20.49
C THR A 707 7.09 1.07 -21.71
N ASP A 708 7.81 1.01 -22.80
CA ASP A 708 7.42 1.73 -24.03
C ASP A 708 6.28 1.04 -24.83
N ALA A 709 6.24 -0.28 -24.82
CA ALA A 709 5.20 -1.01 -25.46
C ALA A 709 3.88 -0.74 -24.74
N LEU A 710 3.86 -0.72 -23.43
CA LEU A 710 2.58 -0.57 -22.72
C LEU A 710 2.12 0.89 -22.76
N ALA A 711 3.05 1.82 -22.76
CA ALA A 711 2.68 3.19 -22.83
C ALA A 711 1.93 3.42 -24.12
N ALA A 712 2.37 2.80 -25.20
CA ALA A 712 1.71 2.92 -26.48
C ALA A 712 0.40 2.11 -26.54
N LEU A 713 0.44 0.86 -26.16
CA LEU A 713 -0.79 0.07 -26.15
C LEU A 713 -1.88 0.77 -25.33
N SER A 714 -1.44 1.48 -24.30
CA SER A 714 -2.33 2.07 -23.35
C SER A 714 -2.96 3.32 -23.93
N ALA A 715 -2.19 4.09 -24.68
CA ALA A 715 -2.75 5.23 -25.42
C ALA A 715 -3.73 4.74 -26.50
N ALA A 716 -3.34 3.69 -27.20
CA ALA A 716 -4.23 3.12 -28.18
C ALA A 716 -5.60 2.85 -27.54
N VAL A 717 -5.65 2.32 -26.33
CA VAL A 717 -6.96 2.05 -25.66
C VAL A 717 -7.69 3.32 -25.13
N ALA A 718 -6.92 4.22 -24.51
CA ALA A 718 -7.45 5.46 -23.93
C ALA A 718 -8.06 6.37 -24.98
N ALA A 719 -7.30 6.62 -26.03
CA ALA A 719 -7.74 7.45 -27.15
C ALA A 719 -8.52 6.69 -28.19
N GLN A 720 -8.80 5.40 -28.01
CA GLN A 720 -9.63 4.62 -28.98
C GLN A 720 -9.13 4.67 -30.44
N LEU A 721 -7.83 4.61 -30.60
CA LEU A 721 -7.22 4.77 -31.88
C LEU A 721 -7.52 3.60 -32.80
N PRO A 722 -7.55 3.88 -34.12
CA PRO A 722 -7.75 2.85 -35.13
C PRO A 722 -6.91 1.56 -34.88
N CYS A 723 -5.61 1.65 -34.60
CA CYS A 723 -4.79 0.43 -34.45
C CYS A 723 -5.07 -0.41 -33.20
N ARG A 724 -5.86 0.11 -32.28
CA ARG A 724 -6.10 -0.56 -31.00
C ARG A 724 -6.33 -2.09 -30.99
N ASP A 725 -7.40 -2.56 -31.61
CA ASP A 725 -7.76 -3.99 -31.51
C ASP A 725 -6.66 -4.97 -31.95
N ALA A 726 -5.86 -4.51 -32.90
CA ALA A 726 -4.75 -5.28 -33.45
C ALA A 726 -3.62 -5.39 -32.46
N LEU A 727 -3.23 -4.25 -31.90
CA LEU A 727 -2.26 -4.22 -30.83
C LEU A 727 -2.70 -5.09 -29.62
N MET A 728 -3.95 -4.90 -29.18
CA MET A 728 -4.50 -5.72 -28.11
C MET A 728 -4.46 -7.21 -28.46
N GLN A 729 -4.69 -7.53 -29.72
CA GLN A 729 -4.65 -8.94 -30.17
C GLN A 729 -3.18 -9.50 -30.23
N GLU A 730 -2.23 -8.67 -30.68
CA GLU A 730 -0.85 -9.10 -30.71
C GLU A 730 -0.44 -9.47 -29.30
N TYR A 731 -0.71 -8.54 -28.38
CA TYR A 731 -0.32 -8.68 -27.02
C TYR A 731 -0.85 -9.99 -26.43
N ASP A 732 -2.16 -10.20 -26.52
CA ASP A 732 -2.76 -11.47 -26.06
C ASP A 732 -2.00 -12.67 -26.65
N ASP A 733 -1.82 -12.66 -27.96
CA ASP A 733 -1.25 -13.81 -28.66
C ASP A 733 0.17 -14.13 -28.24
N LYS A 734 0.94 -13.10 -27.99
CA LYS A 734 2.26 -13.26 -27.46
C LYS A 734 2.28 -13.67 -25.98
N TRP A 735 1.40 -13.08 -25.17
CA TRP A 735 1.67 -13.05 -23.74
C TRP A 735 0.73 -13.86 -22.91
N HIS A 736 -0.27 -14.47 -23.55
CA HIS A 736 -1.34 -15.22 -22.82
C HIS A 736 -0.88 -16.28 -21.79
N GLN A 737 0.25 -16.92 -22.05
CA GLN A 737 0.74 -18.02 -21.20
C GLN A 737 1.29 -17.49 -19.86
N ASN A 738 1.35 -16.17 -19.77
CA ASN A 738 1.98 -15.38 -18.70
C ASN A 738 1.10 -14.35 -17.92
N GLY A 739 0.59 -14.75 -16.76
CA GLY A 739 -0.39 -13.98 -16.03
C GLY A 739 0.09 -12.59 -15.65
N LEU A 740 1.27 -12.50 -15.04
CA LEU A 740 1.75 -11.21 -14.61
C LEU A 740 1.77 -10.20 -15.78
N VAL A 741 2.03 -10.66 -17.00
CA VAL A 741 2.06 -9.75 -18.18
C VAL A 741 0.63 -9.47 -18.67
N MET A 742 -0.19 -10.50 -18.61
CA MET A 742 -1.60 -10.37 -18.92
C MET A 742 -2.39 -9.46 -17.97
N ASP A 743 -1.97 -9.36 -16.72
CA ASP A 743 -2.61 -8.47 -15.76
C ASP A 743 -2.68 -7.06 -16.34
N LYS A 744 -1.62 -6.63 -17.02
CA LYS A 744 -1.60 -5.28 -17.58
C LYS A 744 -2.66 -5.11 -18.61
N TRP A 745 -2.90 -6.18 -19.35
CA TRP A 745 -3.80 -6.20 -20.51
C TRP A 745 -5.23 -6.17 -20.01
N PHE A 746 -5.55 -7.03 -19.04
CA PHE A 746 -6.85 -7.01 -18.38
C PHE A 746 -7.16 -5.62 -17.80
N ILE A 747 -6.21 -5.01 -17.09
CA ILE A 747 -6.40 -3.65 -16.59
C ILE A 747 -6.80 -2.69 -17.70
N LEU A 748 -6.13 -2.81 -18.85
CA LEU A 748 -6.48 -1.98 -19.98
C LEU A 748 -7.88 -2.25 -20.53
N GLN A 749 -8.28 -3.51 -20.60
CA GLN A 749 -9.62 -3.87 -21.01
C GLN A 749 -10.66 -3.22 -20.08
N ALA A 750 -10.41 -3.44 -18.80
CA ALA A 750 -11.29 -3.08 -17.74
C ALA A 750 -11.40 -1.58 -17.58
N THR A 751 -10.35 -0.84 -17.95
CA THR A 751 -10.39 0.64 -17.84
C THR A 751 -10.65 1.33 -19.18
N SER A 752 -11.03 0.54 -20.21
CA SER A 752 -11.35 1.08 -21.53
C SER A 752 -12.47 2.11 -21.47
N PRO A 753 -12.27 3.24 -22.15
CA PRO A 753 -13.36 4.21 -22.33
C PRO A 753 -14.47 3.73 -23.29
N ALA A 754 -14.26 2.66 -24.02
CA ALA A 754 -15.23 2.18 -24.99
C ALA A 754 -16.65 1.94 -24.41
N ALA A 755 -17.61 1.62 -25.27
CA ALA A 755 -19.02 1.71 -24.86
C ALA A 755 -19.56 0.44 -24.16
N ASN A 756 -19.07 -0.69 -24.60
CA ASN A 756 -19.60 -1.97 -24.17
C ASN A 756 -18.57 -2.65 -23.24
N VAL A 757 -17.89 -1.86 -22.40
CA VAL A 757 -16.72 -2.33 -21.62
C VAL A 757 -17.09 -3.42 -20.62
N LEU A 758 -18.19 -3.20 -19.91
CA LEU A 758 -18.79 -4.24 -19.08
C LEU A 758 -19.05 -5.54 -19.85
N GLU A 759 -19.61 -5.44 -21.04
CA GLU A 759 -19.97 -6.63 -21.79
C GLU A 759 -18.62 -7.32 -22.03
N THR A 760 -17.59 -6.54 -22.39
CA THR A 760 -16.27 -7.13 -22.65
C THR A 760 -15.73 -7.82 -21.42
N VAL A 761 -15.70 -7.08 -20.29
CA VAL A 761 -15.14 -7.58 -19.00
C VAL A 761 -15.75 -8.91 -18.61
N ARG A 762 -17.08 -9.02 -18.74
CA ARG A 762 -17.80 -10.29 -18.50
C ARG A 762 -17.23 -11.45 -19.30
N GLY A 763 -17.00 -11.21 -20.57
CA GLY A 763 -16.57 -12.28 -21.46
C GLY A 763 -15.17 -12.71 -21.10
N LEU A 764 -14.37 -11.73 -20.66
CA LEU A 764 -12.99 -11.98 -20.24
C LEU A 764 -12.96 -12.85 -19.02
N LEU A 765 -14.05 -12.94 -18.25
CA LEU A 765 -14.14 -14.02 -17.26
C LEU A 765 -13.85 -15.39 -17.86
N GLN A 766 -14.09 -15.57 -19.15
CA GLN A 766 -13.76 -16.81 -19.85
C GLN A 766 -12.39 -16.81 -20.60
N HIS A 767 -11.62 -15.74 -20.54
CA HIS A 767 -10.37 -15.68 -21.27
C HIS A 767 -9.38 -16.70 -20.71
N ARG A 768 -8.60 -17.31 -21.61
CA ARG A 768 -7.57 -18.32 -21.26
C ARG A 768 -6.63 -17.97 -20.11
N SER A 769 -6.15 -16.73 -20.11
CA SER A 769 -5.34 -16.16 -19.03
C SER A 769 -6.05 -15.68 -17.74
N PHE A 770 -7.39 -15.65 -17.71
CA PHE A 770 -8.15 -15.35 -16.47
C PHE A 770 -8.52 -16.61 -15.61
N THR A 771 -8.53 -16.44 -14.29
CA THR A 771 -9.01 -17.48 -13.38
C THR A 771 -9.49 -16.85 -12.07
N MET A 772 -10.71 -17.22 -11.64
CA MET A 772 -11.30 -16.66 -10.42
C MET A 772 -10.54 -17.03 -9.15
N SER A 773 -9.61 -17.98 -9.23
CA SER A 773 -8.92 -18.45 -8.02
C SER A 773 -7.58 -17.72 -7.78
N ASN A 774 -7.21 -16.80 -8.65
CA ASN A 774 -5.96 -16.11 -8.51
C ASN A 774 -6.19 -14.65 -8.19
N PRO A 775 -5.87 -14.20 -6.95
CA PRO A 775 -6.17 -12.82 -6.58
C PRO A 775 -5.58 -11.83 -7.56
N ASN A 776 -4.44 -12.12 -8.18
CA ASN A 776 -3.92 -11.15 -9.17
C ASN A 776 -4.82 -10.90 -10.39
N ARG A 777 -5.35 -11.99 -10.94
CA ARG A 777 -6.24 -11.92 -12.09
C ARG A 777 -7.54 -11.19 -11.69
N ILE A 778 -8.09 -11.51 -10.53
CA ILE A 778 -9.25 -10.81 -10.01
C ILE A 778 -9.00 -9.30 -9.88
N ARG A 779 -7.89 -8.87 -9.26
CA ARG A 779 -7.57 -7.45 -9.08
C ARG A 779 -7.38 -6.74 -10.45
N SER A 780 -6.91 -7.43 -11.48
CA SER A 780 -6.59 -6.81 -12.76
C SER A 780 -7.81 -6.64 -13.67
N LEU A 781 -8.69 -7.64 -13.64
CA LEU A 781 -9.90 -7.57 -14.42
C LEU A 781 -11.07 -6.90 -13.64
N ILE A 782 -11.49 -7.54 -12.56
CA ILE A 782 -12.71 -7.15 -11.90
C ILE A 782 -12.45 -5.93 -11.07
N GLY A 783 -11.40 -5.98 -10.27
CA GLY A 783 -10.98 -4.88 -9.41
C GLY A 783 -10.65 -3.58 -10.13
N ALA A 784 -9.97 -3.69 -11.28
CA ALA A 784 -9.68 -2.51 -12.12
C ALA A 784 -10.97 -1.90 -12.70
N PHE A 785 -11.91 -2.77 -13.09
CA PHE A 785 -13.20 -2.34 -13.59
C PHE A 785 -13.96 -1.53 -12.54
N ALA A 786 -14.11 -2.12 -11.37
CA ALA A 786 -14.92 -1.53 -10.33
C ALA A 786 -14.23 -0.30 -9.72
N GLY A 787 -12.91 -0.37 -9.60
CA GLY A 787 -12.14 0.63 -8.85
C GLY A 787 -11.59 1.77 -9.64
N SER A 788 -11.27 1.50 -10.91
CA SER A 788 -10.58 2.46 -11.76
C SER A 788 -11.33 2.71 -13.03
N ASN A 789 -12.57 2.25 -13.17
CA ASN A 789 -13.39 2.70 -14.29
C ASN A 789 -14.73 3.21 -13.80
N PRO A 790 -14.70 4.32 -13.05
CA PRO A 790 -15.96 4.69 -12.40
C PRO A 790 -17.08 5.17 -13.37
N ALA A 791 -16.74 5.54 -14.60
CA ALA A 791 -17.76 5.83 -15.63
C ALA A 791 -18.62 4.62 -16.05
N ALA A 792 -18.00 3.44 -16.10
CA ALA A 792 -18.72 2.19 -16.44
C ALA A 792 -19.25 1.47 -15.21
N PHE A 793 -18.51 1.53 -14.12
CA PHE A 793 -18.96 0.89 -12.92
C PHE A 793 -20.23 1.59 -12.47
N HIS A 794 -20.27 2.90 -12.62
CA HIS A 794 -21.40 3.67 -12.18
C HIS A 794 -22.31 4.04 -13.38
N ALA A 795 -22.48 3.13 -14.33
CA ALA A 795 -23.50 3.29 -15.34
C ALA A 795 -24.86 3.56 -14.68
N GLU A 796 -25.66 4.44 -15.28
CA GLU A 796 -26.95 4.83 -14.70
C GLU A 796 -27.91 3.67 -14.51
N ASP A 797 -27.84 2.66 -15.37
CA ASP A 797 -28.73 1.49 -15.24
C ASP A 797 -28.41 0.49 -14.11
N GLY A 798 -27.37 0.75 -13.33
CA GLY A 798 -27.00 -0.14 -12.20
C GLY A 798 -26.30 -1.45 -12.56
N SER A 799 -25.96 -1.63 -13.85
CA SER A 799 -25.33 -2.86 -14.37
C SER A 799 -23.94 -3.17 -13.80
N GLY A 800 -23.18 -2.13 -13.49
CA GLY A 800 -21.86 -2.32 -12.93
C GLY A 800 -22.00 -2.84 -11.51
N TYR A 801 -22.97 -2.27 -10.78
CA TYR A 801 -23.19 -2.69 -9.42
C TYR A 801 -23.56 -4.16 -9.33
N LEU A 802 -24.44 -4.63 -10.23
CA LEU A 802 -24.88 -6.03 -10.21
C LEU A 802 -23.76 -6.93 -10.65
N PHE A 803 -22.94 -6.48 -11.58
CA PHE A 803 -21.80 -7.29 -11.95
C PHE A 803 -20.95 -7.57 -10.71
N LEU A 804 -20.67 -6.55 -9.91
CA LEU A 804 -19.88 -6.73 -8.72
C LEU A 804 -20.58 -7.73 -7.78
N VAL A 805 -21.88 -7.56 -7.61
CA VAL A 805 -22.64 -8.43 -6.71
C VAL A 805 -22.47 -9.91 -7.12
N GLU A 806 -22.51 -10.19 -8.41
CA GLU A 806 -22.23 -11.54 -8.87
C GLU A 806 -20.85 -11.98 -8.41
N MET A 807 -19.83 -11.19 -8.75
CA MET A 807 -18.47 -11.57 -8.45
C MET A 807 -18.27 -11.76 -6.93
N LEU A 808 -18.84 -10.86 -6.16
CA LEU A 808 -18.70 -10.93 -4.71
C LEU A 808 -19.38 -12.16 -4.11
N THR A 809 -20.46 -12.60 -4.77
CA THR A 809 -21.24 -13.74 -4.29
C THR A 809 -20.43 -15.04 -4.35
N ASP A 810 -19.76 -15.22 -5.49
CA ASP A 810 -18.65 -16.12 -5.59
C ASP A 810 -17.56 -15.86 -4.54
N LEU A 811 -16.85 -14.74 -4.61
CA LEU A 811 -15.64 -14.55 -3.73
C LEU A 811 -15.90 -14.49 -2.21
N ASN A 812 -17.14 -14.32 -1.78
CA ASN A 812 -17.38 -14.31 -0.35
C ASN A 812 -17.12 -15.70 0.23
N SER A 813 -17.49 -16.71 -0.55
CA SER A 813 -17.21 -18.12 -0.24
C SER A 813 -15.80 -18.51 -0.58
N ARG A 814 -15.21 -17.95 -1.63
CA ARG A 814 -13.91 -18.45 -2.05
C ARG A 814 -12.71 -17.79 -1.37
N ASN A 815 -12.79 -16.48 -1.21
CA ASN A 815 -11.67 -15.69 -0.75
C ASN A 815 -12.21 -14.37 -0.21
N PRO A 816 -12.64 -14.42 1.05
CA PRO A 816 -13.21 -13.23 1.66
C PRO A 816 -12.29 -12.03 1.68
N GLN A 817 -10.98 -12.23 1.77
CA GLN A 817 -10.04 -11.09 1.79
C GLN A 817 -10.09 -10.29 0.53
N VAL A 818 -9.99 -11.02 -0.58
CA VAL A 818 -10.05 -10.41 -1.92
C VAL A 818 -11.40 -9.75 -2.14
N ALA A 819 -12.46 -10.37 -1.64
CA ALA A 819 -13.81 -9.87 -1.77
C ALA A 819 -13.98 -8.54 -1.06
N SER A 820 -13.34 -8.44 0.09
CA SER A 820 -13.43 -7.23 0.87
C SER A 820 -12.70 -6.11 0.19
N ARG A 821 -11.60 -6.42 -0.49
CA ARG A 821 -10.88 -5.42 -1.29
C ARG A 821 -11.81 -4.98 -2.44
N LEU A 822 -12.51 -5.89 -3.06
CA LEU A 822 -13.36 -5.57 -4.17
C LEU A 822 -14.59 -4.77 -3.82
N ILE A 823 -15.07 -4.88 -2.59
CA ILE A 823 -16.31 -4.21 -2.24
C ILE A 823 -16.13 -2.71 -2.00
N GLU A 824 -14.89 -2.28 -1.80
CA GLU A 824 -14.66 -0.94 -1.36
C GLU A 824 -15.37 0.11 -2.25
N PRO A 825 -15.42 -0.09 -3.58
CA PRO A 825 -16.06 0.95 -4.42
C PRO A 825 -17.54 1.09 -4.18
N LEU A 826 -18.17 0.00 -3.76
CA LEU A 826 -19.60 -0.03 -3.48
C LEU A 826 -20.00 0.57 -2.14
N ILE A 827 -19.09 0.65 -1.18
CA ILE A 827 -19.42 1.29 0.10
C ILE A 827 -19.12 2.81 0.12
N ARG A 828 -18.69 3.35 -1.03
CA ARG A 828 -18.60 4.80 -1.24
C ARG A 828 -19.94 5.47 -1.66
N LEU A 829 -21.04 4.70 -1.60
CA LEU A 829 -22.35 5.12 -2.12
C LEU A 829 -22.83 6.51 -1.70
N LYS A 830 -22.47 7.01 -0.53
CA LYS A 830 -22.98 8.29 -0.06
C LYS A 830 -22.37 9.52 -0.75
N ARG A 831 -21.35 9.34 -1.59
CA ARG A 831 -20.72 10.43 -2.33
C ARG A 831 -21.35 10.61 -3.68
N TYR A 832 -22.22 9.67 -4.04
CA TYR A 832 -22.94 9.72 -5.31
C TYR A 832 -24.33 10.30 -5.13
N ASP A 833 -24.93 10.65 -6.26
CA ASP A 833 -26.29 11.19 -6.29
C ASP A 833 -27.31 10.14 -5.84
N ALA A 834 -28.54 10.59 -5.58
CA ALA A 834 -29.60 9.77 -4.95
C ALA A 834 -29.97 8.49 -5.67
N LYS A 835 -30.07 8.58 -7.00
CA LYS A 835 -30.46 7.46 -7.86
C LYS A 835 -29.41 6.35 -7.78
N ARG A 836 -28.14 6.76 -7.91
CA ARG A 836 -27.00 5.87 -7.67
C ARG A 836 -26.91 5.32 -6.25
N GLN A 837 -27.13 6.17 -5.23
CA GLN A 837 -27.25 5.70 -3.87
C GLN A 837 -28.25 4.59 -3.72
N GLU A 838 -29.45 4.73 -4.27
CA GLU A 838 -30.49 3.71 -4.05
C GLU A 838 -30.05 2.38 -4.61
N LYS A 839 -29.47 2.37 -5.79
CA LYS A 839 -29.09 1.14 -6.46
C LYS A 839 -27.91 0.43 -5.80
N MET A 840 -26.94 1.22 -5.38
CA MET A 840 -25.77 0.74 -4.63
C MET A 840 -26.25 0.13 -3.28
N ARG A 841 -27.10 0.88 -2.61
CA ARG A 841 -27.69 0.44 -1.38
C ARG A 841 -28.41 -0.91 -1.59
N ALA A 842 -29.08 -1.02 -2.72
CA ALA A 842 -29.80 -2.24 -3.08
C ALA A 842 -28.86 -3.42 -3.20
N ALA A 843 -27.72 -3.18 -3.84
CA ALA A 843 -26.68 -4.19 -4.06
C ALA A 843 -26.03 -4.63 -2.74
N LEU A 844 -25.74 -3.69 -1.87
CA LEU A 844 -25.24 -4.05 -0.54
C LEU A 844 -26.28 -4.89 0.22
N GLU A 845 -27.55 -4.55 0.06
CA GLU A 845 -28.63 -5.29 0.72
C GLU A 845 -28.73 -6.70 0.17
N GLN A 846 -28.55 -6.87 -1.12
CA GLN A 846 -28.50 -8.20 -1.65
C GLN A 846 -27.33 -9.02 -1.06
N LEU A 847 -26.13 -8.47 -1.02
CA LEU A 847 -24.99 -9.17 -0.41
C LEU A 847 -25.13 -9.41 1.09
N LYS A 848 -25.75 -8.46 1.80
CA LYS A 848 -26.07 -8.64 3.24
C LYS A 848 -26.88 -9.91 3.46
N GLY A 849 -27.72 -10.29 2.50
CA GLY A 849 -28.48 -11.50 2.65
C GLY A 849 -27.88 -12.84 2.23
N LEU A 850 -26.62 -12.88 1.77
CA LEU A 850 -25.96 -14.15 1.36
C LEU A 850 -25.98 -15.13 2.55
N GLU A 851 -26.16 -16.42 2.29
CA GLU A 851 -25.86 -17.45 3.30
C GLU A 851 -24.35 -17.45 3.51
N ASN A 852 -23.93 -17.62 4.75
CA ASN A 852 -22.50 -17.60 5.03
C ASN A 852 -21.81 -16.32 4.56
N LEU A 853 -22.44 -15.17 4.81
CA LEU A 853 -21.80 -13.90 4.68
C LEU A 853 -20.54 -13.93 5.51
N SER A 854 -19.40 -13.59 4.93
CA SER A 854 -18.13 -13.59 5.62
C SER A 854 -18.06 -12.38 6.55
N GLY A 855 -17.30 -12.50 7.63
CA GLY A 855 -17.08 -11.37 8.52
C GLY A 855 -16.49 -10.16 7.84
N ASP A 856 -15.57 -10.42 6.91
CA ASP A 856 -14.88 -9.39 6.13
C ASP A 856 -15.87 -8.50 5.39
N LEU A 857 -16.85 -9.11 4.69
CA LEU A 857 -17.87 -8.30 3.97
C LEU A 857 -18.87 -7.69 4.93
N TYR A 858 -19.28 -8.52 5.87
CA TYR A 858 -20.19 -8.12 6.90
C TYR A 858 -19.83 -6.78 7.53
N GLU A 859 -18.57 -6.61 7.89
CA GLU A 859 -18.16 -5.44 8.62
C GLU A 859 -18.35 -4.20 7.78
N LYS A 860 -17.97 -4.29 6.52
CA LYS A 860 -18.13 -3.17 5.58
C LYS A 860 -19.58 -2.89 5.16
N ILE A 861 -20.32 -3.96 4.87
CA ILE A 861 -21.72 -3.81 4.50
C ILE A 861 -22.54 -3.19 5.65
N THR A 862 -22.42 -3.68 6.88
CA THR A 862 -23.20 -3.03 7.94
C THR A 862 -22.82 -1.57 8.13
N LYS A 863 -21.53 -1.23 8.03
CA LYS A 863 -21.15 0.18 8.21
C LYS A 863 -21.69 0.99 7.03
N ALA A 864 -21.61 0.47 5.82
CA ALA A 864 -22.14 1.20 4.70
C ALA A 864 -23.63 1.41 4.79
N LEU A 865 -24.38 0.50 5.41
CA LEU A 865 -25.84 0.60 5.44
C LEU A 865 -26.31 1.34 6.66
N ALA A 866 -25.41 1.61 7.60
CA ALA A 866 -25.78 2.28 8.86
C ALA A 866 -26.11 3.75 8.60
ZN ZN B . 4.32 -3.80 5.94
N BAL C . 2.39 -6.83 7.22
CB BAL C . 2.36 -7.68 6.06
CA BAL C . 2.35 -7.00 4.70
C BAL C . 3.28 -5.84 4.75
O BAL C . 4.34 -5.92 4.16
OXT BAL C . 2.92 -4.85 5.40
NA NA D . 17.61 11.03 -4.15
NA NA E . 6.24 -15.62 25.50
C1 MLI F . 0.30 24.73 -2.12
C2 MLI F . 1.75 24.88 -2.50
C3 MLI F . -0.52 24.25 -3.30
O6 MLI F . 1.99 25.95 -3.07
O7 MLI F . 2.64 24.00 -2.26
O8 MLI F . -1.52 23.49 -3.13
O9 MLI F . -0.17 24.61 -4.43
C1 MLI G . 19.02 -23.41 2.72
C2 MLI G . 20.54 -23.38 2.81
C3 MLI G . 18.45 -24.08 1.43
O6 MLI G . 21.17 -22.87 3.79
O7 MLI G . 21.17 -23.88 1.86
O8 MLI G . 17.52 -24.89 1.69
O9 MLI G . 18.81 -23.91 0.18
#